data_3LL8
#
_entry.id   3LL8
#
_cell.length_a   86.275
_cell.length_b   89.699
_cell.length_c   158.914
_cell.angle_alpha   90.00
_cell.angle_beta   90.00
_cell.angle_gamma   90.00
#
_symmetry.space_group_name_H-M   'P 21 21 21'
#
loop_
_entity.id
_entity.type
_entity.pdbx_description
1 polymer 'AKAP79 peptide'
2 polymer 'Serine/threonine-protein phosphatase 2B catalytic subunit alpha isoform'
3 polymer 'Calcineurin subunit B type 1'
4 non-polymer 'PHOSPHATE ION'
5 non-polymer 'ZINC ION'
6 non-polymer 'FE (III) ION'
7 non-polymer 'CALCIUM ION'
8 water water
#
loop_
_entity_poly.entity_id
_entity_poly.type
_entity_poly.pdbx_seq_one_letter_code
_entity_poly.pdbx_strand_id
1 'polypeptide(L)' EPIAIIITDTE E
2 'polypeptide(L)'
;TDRVVKAVPFPPSHRLTAKEVFDNDGKPRVDILKAHLMKEGRLEESVALRIITEGASILRQEKNLLDIDAPVTVCGDIHG
QFFDLMKLFEVGGSPANTRYLFLGDYVDRGYFSIECVLYLWALKILYPKTLFLLRGNHECRHLTEYFTFKQECKIKYSER
VYDACMDAFDCLPLAALMNQQFLCVHGGLSPEINTLDDIRKLDRFKEPPAYGPMCDILWSDPLEDFGNEKTQEHFTHNTV
RGCSYFYSYPAVCEFLQHNNLLSILRAHEAQDAGYRMYRKSQTTGFPSLITIFSAPNYLDVYNNKAAVLKYENNVMNIRQ
FNCSPHPYWLPNFMDVFTWSLPFVGEKVTEMLVNVLN
;
A,C
3 'polypeptide(L)'
;DADEIKRLGKRFKKLDLDNSGSLSVEEFMSLPELQQNPLVQRVIDIFDTDGNGEVDFKEFIEGVSQFSVKGDKEQKLRFA
FRIYDMDKDGYISNGELFQVLKMMVGNNLKDTQLQQIVDKTIINADKDGDGRISFEEFCAVVGGLDIHKKMVVDV
;
B,D
#
# COMPACT_ATOMS: atom_id res chain seq x y z
N GLU A 1 -35.66 -9.45 -25.88
CA GLU A 1 -35.28 -8.46 -24.82
C GLU A 1 -33.85 -8.57 -24.25
N PRO A 2 -32.95 -9.38 -24.89
CA PRO A 2 -31.54 -9.29 -24.44
C PRO A 2 -30.96 -7.93 -24.89
N ILE A 3 -30.45 -7.14 -23.95
CA ILE A 3 -30.03 -5.78 -24.30
C ILE A 3 -28.72 -5.88 -25.09
N ALA A 4 -28.53 -4.94 -26.01
CA ALA A 4 -27.33 -4.91 -26.86
C ALA A 4 -26.19 -4.00 -26.32
N ILE A 5 -24.96 -4.45 -26.50
CA ILE A 5 -23.78 -3.71 -26.12
C ILE A 5 -23.13 -3.13 -27.39
N ILE A 6 -22.95 -1.81 -27.44
CA ILE A 6 -22.24 -1.13 -28.53
C ILE A 6 -21.01 -0.44 -27.92
N ILE A 7 -19.82 -0.75 -28.45
CA ILE A 7 -18.55 -0.19 -27.97
C ILE A 7 -17.97 0.66 -29.11
N THR A 8 -17.74 1.94 -28.82
CA THR A 8 -17.20 2.91 -29.76
C THR A 8 -16.10 3.71 -29.02
N ASP A 9 -15.12 4.24 -29.76
CA ASP A 9 -14.12 5.17 -29.23
C ASP A 9 -14.51 6.65 -29.42
N THR A 10 -14.04 7.52 -28.51
CA THR A 10 -14.27 8.97 -28.60
C THR A 10 -12.91 9.67 -28.77
N GLU A 11 -12.04 9.55 -27.77
CA GLU A 11 -10.63 10.01 -27.86
C GLU A 11 -10.36 11.45 -28.31
N THR B 1 10.05 38.96 -16.95
CA THR B 1 10.90 38.37 -15.87
C THR B 1 11.92 37.44 -16.51
N ASP B 2 12.77 36.81 -15.69
CA ASP B 2 13.79 35.91 -16.26
C ASP B 2 13.33 34.44 -16.41
N ARG B 3 12.03 34.20 -16.32
CA ARG B 3 11.44 32.88 -16.48
C ARG B 3 11.89 32.21 -17.80
N VAL B 4 12.42 30.99 -17.71
CA VAL B 4 13.13 30.41 -18.87
C VAL B 4 12.22 29.81 -19.92
N VAL B 5 11.29 28.96 -19.48
CA VAL B 5 10.39 28.25 -20.41
C VAL B 5 9.07 28.98 -20.47
N LYS B 6 9.09 30.02 -21.29
CA LYS B 6 7.98 30.94 -21.42
C LYS B 6 6.68 30.27 -21.89
N ALA B 7 6.80 29.30 -22.80
CA ALA B 7 5.62 28.63 -23.35
C ALA B 7 4.75 27.96 -22.27
N VAL B 8 5.36 27.57 -21.17
CA VAL B 8 4.68 26.86 -20.08
C VAL B 8 3.84 27.84 -19.29
N PRO B 9 2.51 27.61 -19.18
CA PRO B 9 1.72 28.54 -18.39
C PRO B 9 1.97 28.41 -16.87
N PHE B 10 1.78 29.54 -16.19
CA PHE B 10 2.19 29.78 -14.82
C PHE B 10 0.88 29.65 -14.02
N PRO B 11 0.86 28.84 -12.93
CA PRO B 11 -0.39 28.76 -12.16
C PRO B 11 -0.78 30.11 -11.53
N PRO B 12 -2.08 30.37 -11.34
CA PRO B 12 -2.43 31.64 -10.66
C PRO B 12 -2.12 31.55 -9.18
N SER B 13 -1.68 32.66 -8.57
CA SER B 13 -1.47 32.66 -7.14
C SER B 13 -2.70 33.14 -6.38
N HIS B 14 -3.61 33.79 -7.09
CA HIS B 14 -4.84 34.21 -6.46
C HIS B 14 -5.67 32.98 -6.01
N ARG B 15 -6.13 32.97 -4.77
CA ARG B 15 -6.95 31.87 -4.28
C ARG B 15 -8.44 32.27 -4.34
N LEU B 16 -9.30 31.45 -4.99
CA LEU B 16 -10.72 31.81 -5.16
C LEU B 16 -11.42 32.00 -3.84
N THR B 17 -12.17 33.09 -3.73
CA THR B 17 -12.96 33.39 -2.53
C THR B 17 -14.37 32.78 -2.56
N ALA B 18 -15.07 32.91 -1.45
CA ALA B 18 -16.42 32.39 -1.31
C ALA B 18 -17.41 32.98 -2.33
N LYS B 19 -17.31 34.29 -2.58
CA LYS B 19 -18.22 34.94 -3.55
C LYS B 19 -17.89 34.59 -4.99
N GLU B 20 -16.64 34.27 -5.24
CA GLU B 20 -16.25 33.89 -6.58
C GLU B 20 -16.74 32.47 -6.88
N VAL B 21 -16.69 31.59 -5.89
CA VAL B 21 -17.09 30.19 -6.09
C VAL B 21 -18.59 29.93 -5.91
N PHE B 22 -19.21 30.55 -4.89
CA PHE B 22 -20.64 30.37 -4.64
C PHE B 22 -21.44 31.67 -4.96
N ASP B 23 -22.41 31.59 -5.86
CA ASP B 23 -23.33 32.71 -6.13
C ASP B 23 -24.32 32.93 -4.97
N ASN B 24 -25.09 34.01 -5.01
CA ASN B 24 -25.90 34.42 -3.88
C ASN B 24 -27.12 33.54 -3.67
N ASP B 25 -27.29 32.54 -4.53
CA ASP B 25 -28.30 31.50 -4.35
C ASP B 25 -27.72 30.23 -3.73
N GLY B 26 -26.44 30.23 -3.37
CA GLY B 26 -25.85 29.05 -2.74
C GLY B 26 -25.30 28.02 -3.70
N LYS B 27 -25.40 28.28 -5.00
CA LYS B 27 -24.98 27.34 -6.05
C LYS B 27 -23.52 27.60 -6.43
N PRO B 28 -22.69 26.52 -6.48
CA PRO B 28 -21.32 26.68 -6.92
C PRO B 28 -21.25 27.02 -8.41
N ARG B 29 -20.28 27.85 -8.78
CA ARG B 29 -20.06 28.16 -10.17
C ARG B 29 -19.07 27.16 -10.71
N VAL B 30 -19.57 26.06 -11.25
CA VAL B 30 -18.68 24.95 -11.60
C VAL B 30 -17.77 25.26 -12.79
N ASP B 31 -18.20 26.17 -13.67
CA ASP B 31 -17.40 26.55 -14.84
C ASP B 31 -16.13 27.32 -14.41
N ILE B 32 -16.31 28.14 -13.39
CA ILE B 32 -15.27 28.99 -12.89
C ILE B 32 -14.30 28.10 -12.13
N LEU B 33 -14.85 27.23 -11.29
CA LEU B 33 -14.06 26.21 -10.61
C LEU B 33 -13.26 25.36 -11.60
N LYS B 34 -13.90 24.86 -12.66
CA LYS B 34 -13.20 24.05 -13.65
C LYS B 34 -12.02 24.79 -14.28
N ALA B 35 -12.26 26.02 -14.74
CA ALA B 35 -11.18 26.81 -15.34
C ALA B 35 -10.00 27.06 -14.35
N HIS B 36 -10.31 27.45 -13.13
CA HIS B 36 -9.27 27.73 -12.14
C HIS B 36 -8.45 26.46 -11.84
N LEU B 37 -9.15 25.34 -11.61
CA LEU B 37 -8.49 24.10 -11.19
C LEU B 37 -7.65 23.55 -12.33
N MET B 38 -8.13 23.68 -13.56
CA MET B 38 -7.33 23.29 -14.72
C MET B 38 -5.99 24.04 -14.80
N LYS B 39 -5.91 25.21 -14.17
CA LYS B 39 -4.69 25.98 -14.21
C LYS B 39 -3.82 25.74 -12.99
N GLU B 40 -4.23 24.80 -12.15
CA GLU B 40 -3.52 24.47 -10.91
C GLU B 40 -3.67 25.62 -9.91
N GLY B 41 -4.80 26.31 -10.00
CA GLY B 41 -5.18 27.26 -8.97
C GLY B 41 -5.72 26.53 -7.76
N ARG B 42 -5.80 27.28 -6.66
CA ARG B 42 -6.27 26.80 -5.38
C ARG B 42 -7.45 27.63 -4.93
N LEU B 43 -8.27 27.12 -4.02
CA LEU B 43 -9.33 27.91 -3.37
C LEU B 43 -8.78 28.43 -2.05
N GLU B 44 -9.40 29.47 -1.51
CA GLU B 44 -9.11 29.82 -0.11
C GLU B 44 -9.46 28.59 0.63
N GLU B 45 -8.77 28.33 1.73
CA GLU B 45 -9.05 27.11 2.47
C GLU B 45 -10.43 26.98 3.06
N SER B 46 -10.97 28.10 3.58
CA SER B 46 -12.34 28.12 4.08
C SER B 46 -13.34 27.78 2.94
N VAL B 47 -13.01 28.07 1.69
CA VAL B 47 -13.94 27.78 0.59
C VAL B 47 -13.92 26.26 0.25
N ALA B 48 -12.73 25.65 0.31
CA ALA B 48 -12.57 24.24 0.06
C ALA B 48 -13.34 23.51 1.14
N LEU B 49 -13.16 23.95 2.39
CA LEU B 49 -13.92 23.41 3.53
C LEU B 49 -15.45 23.46 3.34
N ARG B 50 -15.93 24.57 2.77
CA ARG B 50 -17.38 24.73 2.57
C ARG B 50 -17.91 23.76 1.55
N ILE B 51 -17.20 23.60 0.43
CA ILE B 51 -17.55 22.58 -0.55
C ILE B 51 -17.58 21.17 0.08
N ILE B 52 -16.51 20.83 0.79
CA ILE B 52 -16.40 19.49 1.33
C ILE B 52 -17.51 19.17 2.31
N THR B 53 -17.81 20.11 3.18
CA THR B 53 -18.79 19.83 4.22
C THR B 53 -20.22 19.97 3.69
N GLU B 54 -20.41 20.83 2.67
CA GLU B 54 -21.78 20.93 2.10
C GLU B 54 -22.09 19.70 1.26
N GLY B 55 -21.07 19.13 0.56
CA GLY B 55 -21.26 17.84 -0.12
C GLY B 55 -21.59 16.70 0.84
N ALA B 56 -20.84 16.65 1.92
CA ALA B 56 -21.00 15.65 2.97
C ALA B 56 -22.38 15.69 3.61
N SER B 57 -22.96 16.86 3.83
CA SER B 57 -24.36 16.94 4.37
C SER B 57 -25.40 16.40 3.39
N ILE B 58 -25.17 16.60 2.09
CA ILE B 58 -26.04 15.95 1.10
C ILE B 58 -25.82 14.44 1.11
N LEU B 59 -24.56 13.97 1.13
CA LEU B 59 -24.27 12.51 1.12
C LEU B 59 -24.87 11.79 2.33
N ARG B 60 -24.76 12.44 3.48
CA ARG B 60 -25.21 11.90 4.76
C ARG B 60 -26.71 11.55 4.76
N GLN B 61 -27.52 12.31 4.03
CA GLN B 61 -28.94 12.05 3.92
C GLN B 61 -29.32 10.94 2.96
N GLU B 62 -28.38 10.48 2.12
CA GLU B 62 -28.66 9.39 1.17
C GLU B 62 -28.61 8.01 1.83
N LYS B 63 -29.24 7.05 1.18
CA LYS B 63 -29.30 5.67 1.63
C LYS B 63 -28.00 4.93 1.35
N ASN B 64 -27.79 3.81 2.06
CA ASN B 64 -26.62 2.95 1.80
C ASN B 64 -26.63 2.45 0.38
N LEU B 65 -27.83 2.08 -0.09
CA LEU B 65 -28.09 1.52 -1.40
C LEU B 65 -28.95 2.53 -2.19
N LEU B 66 -28.38 3.17 -3.22
CA LEU B 66 -29.07 4.23 -3.99
C LEU B 66 -30.04 3.65 -5.05
N ASP B 67 -31.15 4.32 -5.35
CA ASP B 67 -32.04 3.77 -6.40
C ASP B 67 -31.93 4.75 -7.55
N ILE B 68 -31.36 4.31 -8.67
CA ILE B 68 -30.93 5.20 -9.77
C ILE B 68 -31.61 4.80 -11.08
N ASP B 69 -32.23 5.78 -11.74
CA ASP B 69 -32.98 5.55 -12.96
C ASP B 69 -32.10 5.55 -14.22
N ALA B 70 -32.50 4.85 -15.28
CA ALA B 70 -31.84 5.05 -16.59
C ALA B 70 -32.45 6.31 -17.25
N PRO B 71 -31.76 7.00 -18.18
CA PRO B 71 -30.39 6.76 -18.63
C PRO B 71 -29.42 7.32 -17.60
N VAL B 72 -28.23 6.73 -17.61
CA VAL B 72 -27.17 7.12 -16.65
C VAL B 72 -25.81 6.79 -17.22
N THR B 73 -24.80 7.61 -16.88
CA THR B 73 -23.44 7.33 -17.24
C THR B 73 -22.69 6.81 -16.01
N VAL B 74 -22.17 5.60 -16.09
CA VAL B 74 -21.54 4.94 -14.94
C VAL B 74 -20.05 4.97 -15.20
N CYS B 75 -19.30 5.47 -14.19
CA CYS B 75 -17.87 5.67 -14.30
C CYS B 75 -17.16 4.90 -13.20
N GLY B 76 -15.98 4.38 -13.50
CA GLY B 76 -15.14 3.62 -12.57
C GLY B 76 -14.01 4.54 -12.10
N ASP B 77 -12.86 3.97 -11.78
CA ASP B 77 -11.82 4.72 -11.06
C ASP B 77 -11.30 5.94 -11.76
N ILE B 78 -11.00 6.97 -10.96
CA ILE B 78 -10.46 8.25 -11.37
C ILE B 78 -9.00 8.44 -10.81
N HIS B 79 -8.83 8.08 -9.55
CA HIS B 79 -7.49 8.15 -8.93
C HIS B 79 -6.72 9.44 -9.20
N GLY B 80 -7.35 10.56 -8.91
CA GLY B 80 -6.65 11.87 -8.91
C GLY B 80 -6.23 12.34 -10.28
N GLN B 81 -6.77 11.74 -11.34
CA GLN B 81 -6.42 12.12 -12.74
C GLN B 81 -7.37 13.22 -13.24
N PHE B 82 -7.24 14.40 -12.65
CA PHE B 82 -8.21 15.49 -12.84
C PHE B 82 -8.37 15.85 -14.32
N PHE B 83 -7.28 15.79 -15.06
CA PHE B 83 -7.30 16.24 -16.45
C PHE B 83 -8.02 15.21 -17.37
N ASP B 84 -8.00 13.97 -16.96
CA ASP B 84 -8.80 12.93 -17.61
C ASP B 84 -10.22 13.02 -17.17
N LEU B 85 -10.45 13.37 -15.90
CA LEU B 85 -11.83 13.63 -15.49
C LEU B 85 -12.51 14.74 -16.31
N MET B 86 -11.77 15.78 -16.67
CA MET B 86 -12.31 16.80 -17.58
C MET B 86 -12.74 16.16 -18.88
N LYS B 87 -11.92 15.29 -19.46
CA LYS B 87 -12.31 14.66 -20.70
C LYS B 87 -13.49 13.70 -20.54
N LEU B 88 -13.47 12.89 -19.47
CA LEU B 88 -14.61 12.03 -19.10
C LEU B 88 -15.95 12.75 -19.24
N PHE B 89 -16.05 13.96 -18.67
CA PHE B 89 -17.34 14.71 -18.76
C PHE B 89 -17.72 15.06 -20.21
N GLU B 90 -16.75 15.33 -21.07
CA GLU B 90 -17.03 15.48 -22.52
C GLU B 90 -17.55 14.19 -23.16
N VAL B 91 -16.97 13.07 -22.77
CA VAL B 91 -17.29 11.79 -23.39
C VAL B 91 -18.68 11.36 -22.88
N GLY B 92 -18.92 11.57 -21.59
CA GLY B 92 -20.10 11.04 -20.95
C GLY B 92 -21.35 11.90 -21.00
N GLY B 93 -21.19 13.18 -21.32
CA GLY B 93 -22.31 14.13 -21.29
C GLY B 93 -22.18 15.13 -20.15
N SER B 94 -22.74 16.32 -20.37
CA SER B 94 -22.75 17.39 -19.40
C SER B 94 -23.60 16.99 -18.21
N PRO B 95 -23.06 17.17 -16.99
CA PRO B 95 -23.86 16.94 -15.77
C PRO B 95 -25.14 17.78 -15.71
N ALA B 96 -25.19 18.88 -16.45
CA ALA B 96 -26.40 19.69 -16.57
C ALA B 96 -27.54 18.88 -17.16
N ASN B 97 -27.25 17.91 -18.03
CA ASN B 97 -28.35 17.11 -18.59
C ASN B 97 -28.12 15.59 -18.64
N THR B 98 -27.19 15.07 -17.83
CA THR B 98 -26.86 13.65 -17.85
C THR B 98 -26.81 13.22 -16.38
N ARG B 99 -27.44 12.10 -16.06
CA ARG B 99 -27.32 11.46 -14.77
C ARG B 99 -25.97 10.74 -14.72
N TYR B 100 -25.25 10.86 -13.59
CA TYR B 100 -23.92 10.21 -13.47
C TYR B 100 -23.90 9.30 -12.24
N LEU B 101 -23.14 8.21 -12.31
CA LEU B 101 -22.90 7.38 -11.12
C LEU B 101 -21.45 7.02 -11.13
N PHE B 102 -20.72 7.44 -10.11
CA PHE B 102 -19.30 7.13 -10.01
C PHE B 102 -19.10 6.04 -9.01
N LEU B 103 -18.20 5.12 -9.30
CA LEU B 103 -18.10 3.95 -8.44
C LEU B 103 -16.93 3.95 -7.43
N GLY B 104 -16.29 5.09 -7.17
CA GLY B 104 -15.31 5.21 -6.08
C GLY B 104 -13.87 5.38 -6.55
N ASP B 105 -12.90 5.41 -5.62
CA ASP B 105 -11.47 5.60 -5.98
C ASP B 105 -11.22 6.90 -6.74
N TYR B 106 -11.67 7.98 -6.14
CA TYR B 106 -11.44 9.36 -6.66
C TYR B 106 -10.05 9.84 -6.36
N VAL B 107 -9.43 9.27 -5.32
CA VAL B 107 -8.15 9.78 -4.79
C VAL B 107 -6.98 8.77 -4.85
N ASP B 108 -5.75 9.27 -4.62
CA ASP B 108 -4.51 8.46 -4.51
C ASP B 108 -3.98 8.12 -5.89
N ARG B 109 -2.65 8.02 -5.98
CA ARG B 109 -1.94 7.58 -7.17
C ARG B 109 -1.73 8.74 -8.16
N GLY B 110 -2.81 9.39 -8.62
CA GLY B 110 -2.77 10.65 -9.39
C GLY B 110 -2.51 11.85 -8.48
N TYR B 111 -1.82 12.86 -9.01
CA TYR B 111 -1.41 13.98 -8.20
C TYR B 111 -2.44 15.13 -8.17
N PHE B 112 -3.67 14.89 -8.63
CA PHE B 112 -4.70 15.95 -8.55
C PHE B 112 -5.97 15.49 -7.87
N SER B 113 -5.80 14.75 -6.77
CA SER B 113 -6.92 14.12 -6.09
C SER B 113 -7.80 15.15 -5.47
N ILE B 114 -7.21 16.21 -4.90
CA ILE B 114 -8.04 17.20 -4.16
C ILE B 114 -8.90 17.97 -5.19
N GLU B 115 -8.34 18.19 -6.38
CA GLU B 115 -9.09 18.86 -7.43
C GLU B 115 -10.26 17.98 -7.92
N CYS B 116 -10.02 16.66 -8.06
CA CYS B 116 -11.13 15.75 -8.39
C CYS B 116 -12.22 15.83 -7.31
N VAL B 117 -11.84 15.75 -6.03
CA VAL B 117 -12.81 15.78 -4.92
C VAL B 117 -13.50 17.13 -4.87
N LEU B 118 -12.78 18.23 -5.00
CA LEU B 118 -13.44 19.52 -4.94
C LEU B 118 -14.47 19.65 -6.08
N TYR B 119 -14.07 19.28 -7.28
CA TYR B 119 -14.96 19.32 -8.47
C TYR B 119 -16.21 18.42 -8.32
N LEU B 120 -16.03 17.16 -7.96
CA LEU B 120 -17.16 16.23 -7.84
C LEU B 120 -18.05 16.63 -6.70
N TRP B 121 -17.46 17.11 -5.59
CA TRP B 121 -18.34 17.55 -4.46
C TRP B 121 -19.14 18.79 -4.88
N ALA B 122 -18.51 19.69 -5.62
CA ALA B 122 -19.18 20.89 -6.15
C ALA B 122 -20.35 20.50 -7.08
N LEU B 123 -20.08 19.54 -7.95
CA LEU B 123 -21.15 18.96 -8.80
C LEU B 123 -22.27 18.31 -8.03
N LYS B 124 -21.95 17.59 -6.97
CA LYS B 124 -22.98 17.03 -6.10
C LYS B 124 -23.88 18.08 -5.42
N ILE B 125 -23.27 19.18 -4.94
CA ILE B 125 -24.01 20.31 -4.39
C ILE B 125 -24.95 20.92 -5.47
N LEU B 126 -24.45 21.08 -6.70
CA LEU B 126 -25.23 21.68 -7.77
C LEU B 126 -26.32 20.73 -8.34
N TYR B 127 -26.00 19.45 -8.47
CA TYR B 127 -26.96 18.47 -9.02
C TYR B 127 -27.25 17.35 -8.03
N PRO B 128 -27.86 17.67 -6.85
CA PRO B 128 -27.98 16.64 -5.83
C PRO B 128 -28.80 15.43 -6.23
N LYS B 129 -29.66 15.53 -7.22
CA LYS B 129 -30.54 14.42 -7.56
C LYS B 129 -30.09 13.66 -8.79
N THR B 130 -29.05 14.12 -9.46
CA THR B 130 -28.67 13.47 -10.73
C THR B 130 -27.20 13.05 -10.81
N LEU B 131 -26.42 13.44 -9.82
CA LEU B 131 -25.02 13.03 -9.79
C LEU B 131 -24.83 12.24 -8.51
N PHE B 132 -24.34 11.00 -8.66
CA PHE B 132 -24.24 10.06 -7.52
C PHE B 132 -22.82 9.55 -7.39
N LEU B 133 -22.40 9.45 -6.14
CA LEU B 133 -20.99 9.12 -5.81
C LEU B 133 -21.05 7.96 -4.84
N LEU B 134 -20.35 6.89 -5.18
CA LEU B 134 -20.18 5.75 -4.24
C LEU B 134 -18.81 5.78 -3.57
N ARG B 135 -18.67 5.03 -2.49
CA ARG B 135 -17.39 4.81 -1.81
C ARG B 135 -16.54 3.76 -2.48
N GLY B 136 -15.25 4.05 -2.62
CA GLY B 136 -14.30 3.03 -3.13
C GLY B 136 -13.37 2.68 -1.97
N ASN B 137 -12.52 1.66 -2.13
CA ASN B 137 -11.60 1.25 -1.04
C ASN B 137 -10.57 2.32 -0.66
N HIS B 138 -10.25 3.21 -1.59
CA HIS B 138 -9.32 4.35 -1.26
C HIS B 138 -9.89 5.51 -0.46
N GLU B 139 -11.20 5.57 -0.36
CA GLU B 139 -11.84 6.68 0.29
C GLU B 139 -11.89 6.38 1.78
N CYS B 140 -10.72 6.30 2.41
CA CYS B 140 -10.69 6.02 3.82
C CYS B 140 -9.36 6.54 4.37
N ARG B 141 -9.22 6.45 5.67
CA ARG B 141 -8.02 6.99 6.33
C ARG B 141 -6.84 6.09 6.07
N HIS B 142 -7.03 4.79 6.21
CA HIS B 142 -5.89 3.85 6.19
C HIS B 142 -5.11 3.94 4.86
N LEU B 143 -5.84 3.95 3.73
CA LEU B 143 -5.19 4.04 2.43
C LEU B 143 -4.66 5.43 2.07
N THR B 144 -5.38 6.48 2.42
CA THR B 144 -4.90 7.82 2.01
C THR B 144 -3.68 8.29 2.82
N GLU B 145 -3.52 7.76 4.01
CA GLU B 145 -2.31 7.98 4.77
C GLU B 145 -1.11 7.24 4.15
N TYR B 146 -1.31 6.06 3.55
CA TYR B 146 -0.18 5.24 3.01
C TYR B 146 0.17 5.67 1.59
N PHE B 147 -0.86 5.99 0.80
CA PHE B 147 -0.71 6.50 -0.56
C PHE B 147 -0.48 8.04 -0.52
N THR B 148 -1.04 8.85 -1.38
CA THR B 148 -0.54 10.22 -1.53
C THR B 148 -1.51 11.30 -1.07
N PHE B 149 -2.77 10.93 -0.87
CA PHE B 149 -3.83 11.93 -0.60
C PHE B 149 -3.60 12.77 0.67
N LYS B 150 -3.18 12.15 1.76
CA LYS B 150 -2.99 12.96 2.98
C LYS B 150 -1.87 13.99 2.78
N GLN B 151 -0.78 13.56 2.15
CA GLN B 151 0.33 14.42 1.79
C GLN B 151 -0.10 15.52 0.81
N GLU B 152 -0.92 15.17 -0.18
CA GLU B 152 -1.45 16.14 -1.14
C GLU B 152 -2.18 17.28 -0.42
N CYS B 153 -3.07 16.93 0.51
CA CYS B 153 -3.80 17.91 1.29
C CYS B 153 -2.85 18.73 2.15
N LYS B 154 -1.91 18.08 2.85
CA LYS B 154 -0.92 18.84 3.64
C LYS B 154 -0.15 19.90 2.83
N ILE B 155 0.28 19.55 1.63
CA ILE B 155 1.08 20.45 0.83
C ILE B 155 0.21 21.50 0.11
N LYS B 156 -0.93 21.07 -0.43
CA LYS B 156 -1.74 22.03 -1.19
C LYS B 156 -2.61 22.87 -0.29
N TYR B 157 -3.19 22.24 0.74
CA TYR B 157 -4.09 22.93 1.64
C TYR B 157 -3.59 22.81 3.08
N SER B 158 -4.24 22.00 3.89
CA SER B 158 -3.77 21.74 5.23
C SER B 158 -4.40 20.44 5.70
N GLU B 159 -4.04 19.98 6.91
CA GLU B 159 -4.63 18.77 7.47
C GLU B 159 -6.10 18.90 7.83
N ARG B 160 -6.58 20.13 8.10
CA ARG B 160 -8.03 20.31 8.29
C ARG B 160 -8.78 19.93 7.03
N VAL B 161 -8.22 20.24 5.86
CA VAL B 161 -8.89 19.86 4.60
C VAL B 161 -8.90 18.32 4.50
N TYR B 162 -7.75 17.69 4.74
CA TYR B 162 -7.75 16.22 4.89
C TYR B 162 -8.78 15.65 5.84
N ASP B 163 -8.81 16.12 7.10
CA ASP B 163 -9.82 15.59 8.08
C ASP B 163 -11.27 15.80 7.63
N ALA B 164 -11.55 16.94 7.00
CA ALA B 164 -12.92 17.18 6.52
C ALA B 164 -13.24 16.15 5.40
N CYS B 165 -12.28 15.89 4.51
CA CYS B 165 -12.49 14.86 3.48
C CYS B 165 -12.77 13.53 4.11
N MET B 166 -12.02 13.17 5.17
CA MET B 166 -12.25 11.86 5.78
C MET B 166 -13.67 11.71 6.33
N ASP B 167 -14.18 12.77 6.96
CA ASP B 167 -15.56 12.77 7.43
C ASP B 167 -16.49 12.70 6.25
N ALA B 168 -16.17 13.35 5.13
CA ALA B 168 -17.08 13.32 3.97
C ALA B 168 -17.13 11.92 3.35
N PHE B 169 -15.96 11.28 3.31
CA PHE B 169 -15.84 9.93 2.75
C PHE B 169 -16.63 8.90 3.52
N ASP B 170 -16.70 9.07 4.84
CA ASP B 170 -17.58 8.22 5.68
C ASP B 170 -19.06 8.28 5.31
N CYS B 171 -19.52 9.41 4.77
CA CYS B 171 -20.92 9.55 4.34
C CYS B 171 -21.24 8.97 2.96
N LEU B 172 -20.25 8.57 2.16
CA LEU B 172 -20.52 8.07 0.81
C LEU B 172 -21.33 6.77 0.84
N PRO B 173 -22.36 6.72 0.01
CA PRO B 173 -23.11 5.47 -0.11
C PRO B 173 -22.22 4.31 -0.61
N LEU B 174 -22.66 3.07 -0.33
CA LEU B 174 -21.87 1.86 -0.67
C LEU B 174 -22.24 1.18 -1.99
N ALA B 175 -23.45 1.42 -2.47
CA ALA B 175 -23.99 0.69 -3.60
C ALA B 175 -25.17 1.41 -4.23
N ALA B 176 -25.53 1.04 -5.47
CA ALA B 176 -26.66 1.63 -6.19
C ALA B 176 -27.35 0.51 -6.94
N LEU B 177 -28.67 0.56 -6.99
CA LEU B 177 -29.46 -0.32 -7.85
C LEU B 177 -29.88 0.54 -9.01
N MET B 178 -29.44 0.16 -10.18
CA MET B 178 -29.66 0.97 -11.36
C MET B 178 -30.71 0.34 -12.27
N ASN B 179 -31.77 1.10 -12.57
CA ASN B 179 -32.83 0.70 -13.53
C ASN B 179 -33.52 -0.57 -13.04
N GLN B 180 -33.48 -0.75 -11.72
CA GLN B 180 -33.95 -1.97 -11.05
C GLN B 180 -33.33 -3.28 -11.59
N GLN B 181 -32.21 -3.18 -12.31
CA GLN B 181 -31.60 -4.34 -12.96
C GLN B 181 -30.16 -4.62 -12.56
N PHE B 182 -29.42 -3.58 -12.19
CA PHE B 182 -27.98 -3.74 -11.95
C PHE B 182 -27.62 -3.38 -10.57
N LEU B 183 -26.82 -4.20 -9.91
CA LEU B 183 -26.18 -3.76 -8.69
C LEU B 183 -24.79 -3.20 -9.01
N CYS B 184 -24.55 -1.96 -8.55
CA CYS B 184 -23.33 -1.23 -8.84
C CYS B 184 -22.59 -1.02 -7.52
N VAL B 185 -21.31 -1.37 -7.48
CA VAL B 185 -20.47 -1.29 -6.26
C VAL B 185 -19.05 -1.08 -6.70
N HIS B 186 -18.16 -0.68 -5.79
CA HIS B 186 -16.78 -0.54 -6.21
C HIS B 186 -16.17 -1.90 -6.47
N GLY B 187 -16.22 -2.78 -5.48
CA GLY B 187 -15.51 -4.08 -5.53
C GLY B 187 -16.40 -5.26 -5.92
N GLY B 188 -17.37 -5.58 -5.08
CA GLY B 188 -18.23 -6.69 -5.43
C GLY B 188 -19.02 -7.22 -4.26
N LEU B 189 -19.06 -8.56 -4.19
CA LEU B 189 -19.96 -9.30 -3.32
C LEU B 189 -19.29 -9.78 -2.06
N SER B 190 -20.12 -10.13 -1.07
CA SER B 190 -19.69 -10.70 0.21
C SER B 190 -20.36 -12.07 0.41
N PRO B 191 -19.68 -13.01 1.10
CA PRO B 191 -20.40 -14.18 1.54
C PRO B 191 -21.54 -13.80 2.54
N GLU B 192 -21.48 -12.61 3.14
CA GLU B 192 -22.54 -12.15 4.07
C GLU B 192 -23.67 -11.31 3.43
N ILE B 193 -23.60 -11.02 2.14
CA ILE B 193 -24.65 -10.26 1.49
C ILE B 193 -25.37 -11.17 0.52
N ASN B 194 -26.52 -11.68 0.93
CA ASN B 194 -27.34 -12.55 0.04
C ASN B 194 -28.51 -11.83 -0.61
N THR B 195 -28.92 -10.71 -0.02
CA THR B 195 -30.00 -9.87 -0.55
C THR B 195 -29.64 -8.39 -0.47
N LEU B 196 -30.42 -7.56 -1.17
CA LEU B 196 -30.23 -6.12 -1.08
C LEU B 196 -30.48 -5.55 0.32
N ASP B 197 -31.42 -6.14 1.07
CA ASP B 197 -31.62 -5.79 2.49
C ASP B 197 -30.36 -5.89 3.31
N ASP B 198 -29.48 -6.84 2.97
CA ASP B 198 -28.23 -6.99 3.69
C ASP B 198 -27.38 -5.73 3.51
N ILE B 199 -27.56 -5.00 2.40
CA ILE B 199 -26.78 -3.74 2.23
C ILE B 199 -27.43 -2.61 3.01
N ARG B 200 -28.76 -2.59 3.00
CA ARG B 200 -29.52 -1.53 3.70
C ARG B 200 -29.29 -1.50 5.20
N LYS B 201 -28.92 -2.64 5.75
CA LYS B 201 -28.79 -2.80 7.21
C LYS B 201 -27.43 -2.32 7.75
N LEU B 202 -26.48 -2.04 6.86
CA LEU B 202 -25.13 -1.74 7.33
C LEU B 202 -25.05 -0.35 7.94
N ASP B 203 -24.14 -0.20 8.89
CA ASP B 203 -23.77 1.15 9.34
C ASP B 203 -22.56 1.63 8.56
N ARG B 204 -22.79 2.50 7.57
CA ARG B 204 -21.69 2.90 6.68
C ARG B 204 -20.82 4.04 7.20
N PHE B 205 -21.27 4.69 8.28
CA PHE B 205 -20.65 5.97 8.67
C PHE B 205 -19.44 5.77 9.53
N LYS B 206 -18.40 5.19 8.93
CA LYS B 206 -17.23 4.86 9.69
C LYS B 206 -16.13 4.49 8.72
N GLU B 207 -14.92 4.43 9.24
CA GLU B 207 -13.78 3.87 8.54
C GLU B 207 -14.11 2.42 8.20
N PRO B 208 -13.84 1.97 6.96
CA PRO B 208 -14.22 0.61 6.62
C PRO B 208 -13.44 -0.41 7.48
N PRO B 209 -14.12 -1.46 7.98
CA PRO B 209 -13.41 -2.41 8.87
C PRO B 209 -12.45 -3.29 8.08
N ALA B 210 -11.61 -4.07 8.77
CA ALA B 210 -10.66 -4.95 8.09
C ALA B 210 -11.28 -6.23 7.53
N TYR B 211 -12.54 -6.49 7.88
CA TYR B 211 -13.25 -7.65 7.34
C TYR B 211 -14.73 -7.43 7.50
N GLY B 212 -15.54 -8.28 6.89
CA GLY B 212 -16.99 -8.12 6.97
C GLY B 212 -17.56 -7.53 5.69
N PRO B 213 -18.89 -7.33 5.66
CA PRO B 213 -19.63 -6.98 4.46
C PRO B 213 -19.26 -5.62 3.86
N MET B 214 -19.09 -4.61 4.70
CA MET B 214 -18.67 -3.31 4.22
C MET B 214 -17.31 -3.40 3.54
N CYS B 215 -16.36 -4.08 4.19
CA CYS B 215 -15.03 -4.33 3.62
C CYS B 215 -15.20 -5.00 2.26
N ASP B 216 -16.00 -6.07 2.22
CA ASP B 216 -16.12 -6.84 0.98
C ASP B 216 -16.71 -6.04 -0.19
N ILE B 217 -17.75 -5.26 0.07
CA ILE B 217 -18.35 -4.44 -1.01
C ILE B 217 -17.25 -3.57 -1.68
N LEU B 218 -16.34 -3.03 -0.87
CA LEU B 218 -15.31 -2.12 -1.38
C LEU B 218 -14.07 -2.85 -1.96
N TRP B 219 -13.81 -4.08 -1.55
CA TRP B 219 -12.50 -4.70 -1.79
C TRP B 219 -12.48 -5.99 -2.64
N SER B 220 -13.60 -6.66 -2.82
CA SER B 220 -13.55 -8.01 -3.40
C SER B 220 -13.39 -7.93 -4.92
N ASP B 221 -12.97 -9.02 -5.54
CA ASP B 221 -12.66 -9.05 -6.96
C ASP B 221 -13.21 -10.39 -7.48
N PRO B 222 -13.46 -10.49 -8.80
CA PRO B 222 -13.80 -11.81 -9.37
C PRO B 222 -12.53 -12.64 -9.40
N LEU B 223 -12.65 -13.97 -9.33
CA LEU B 223 -11.52 -14.84 -9.58
C LEU B 223 -10.85 -14.53 -10.88
N GLU B 224 -9.54 -14.70 -10.90
CA GLU B 224 -8.76 -14.63 -12.09
C GLU B 224 -9.39 -15.44 -13.22
N ASP B 225 -9.87 -16.64 -12.91
CA ASP B 225 -10.53 -17.56 -13.85
C ASP B 225 -12.05 -17.54 -13.79
N PHE B 226 -12.58 -16.39 -13.38
CA PHE B 226 -14.00 -16.21 -13.25
C PHE B 226 -14.72 -16.75 -14.53
N GLY B 227 -15.71 -17.63 -14.32
CA GLY B 227 -16.47 -18.27 -15.41
C GLY B 227 -15.91 -19.58 -15.89
N ASN B 228 -14.67 -19.83 -15.53
CA ASN B 228 -13.94 -21.00 -16.04
C ASN B 228 -13.39 -21.77 -14.85
N GLU B 229 -14.14 -21.79 -13.75
CA GLU B 229 -13.69 -22.35 -12.47
C GLU B 229 -13.47 -23.85 -12.51
N LYS B 230 -12.47 -24.28 -11.74
CA LYS B 230 -12.35 -25.65 -11.24
C LYS B 230 -12.29 -25.65 -9.68
N THR B 231 -12.43 -24.46 -9.06
CA THR B 231 -12.65 -24.34 -7.62
C THR B 231 -14.13 -24.13 -7.36
N GLN B 232 -14.80 -25.18 -6.92
CA GLN B 232 -16.22 -25.04 -6.57
C GLN B 232 -16.44 -24.10 -5.35
N GLU B 233 -15.42 -23.32 -4.97
CA GLU B 233 -15.59 -22.34 -3.90
C GLU B 233 -16.12 -20.98 -4.35
N HIS B 234 -17.22 -20.55 -3.74
CA HIS B 234 -17.89 -19.33 -4.14
C HIS B 234 -17.02 -18.09 -3.75
N PHE B 235 -16.44 -18.13 -2.54
CA PHE B 235 -15.68 -17.00 -1.99
C PHE B 235 -14.40 -17.59 -1.45
N THR B 236 -13.26 -17.16 -2.00
CA THR B 236 -11.97 -17.62 -1.53
C THR B 236 -11.19 -16.39 -1.03
N HIS B 237 -10.40 -16.54 0.03
CA HIS B 237 -9.73 -15.34 0.55
C HIS B 237 -8.82 -14.66 -0.48
N ASN B 238 -8.92 -13.32 -0.54
CA ASN B 238 -8.23 -12.53 -1.54
C ASN B 238 -6.79 -12.25 -1.10
N THR B 239 -5.85 -13.10 -1.54
CA THR B 239 -4.47 -12.93 -1.08
C THR B 239 -3.75 -11.74 -1.73
N VAL B 240 -4.23 -11.28 -2.88
CA VAL B 240 -3.68 -10.16 -3.60
C VAL B 240 -3.98 -8.85 -2.87
N ARG B 241 -5.23 -8.65 -2.48
CA ARG B 241 -5.59 -7.47 -1.70
C ARG B 241 -5.18 -7.57 -0.22
N GLY B 242 -5.13 -8.80 0.31
CA GLY B 242 -4.76 -8.98 1.74
C GLY B 242 -5.95 -8.84 2.67
N CYS B 243 -7.15 -8.80 2.07
CA CYS B 243 -8.38 -8.77 2.82
C CYS B 243 -9.46 -9.16 1.83
N SER B 244 -10.62 -9.51 2.39
CA SER B 244 -11.83 -9.80 1.63
C SER B 244 -11.64 -11.00 0.73
N TYR B 245 -12.30 -11.01 -0.43
CA TYR B 245 -12.49 -12.27 -1.17
C TYR B 245 -12.32 -12.09 -2.70
N PHE B 246 -12.06 -13.23 -3.37
CA PHE B 246 -12.37 -13.43 -4.78
C PHE B 246 -13.70 -14.15 -4.85
N TYR B 247 -14.57 -13.70 -5.74
CA TYR B 247 -15.87 -14.37 -5.89
C TYR B 247 -15.93 -15.07 -7.24
N SER B 248 -16.69 -16.18 -7.31
CA SER B 248 -16.71 -16.96 -8.53
C SER B 248 -17.97 -16.65 -9.33
N TYR B 249 -18.02 -17.18 -10.54
CA TYR B 249 -19.20 -17.07 -11.43
C TYR B 249 -20.49 -17.67 -10.85
N PRO B 250 -20.44 -18.90 -10.29
CA PRO B 250 -21.62 -19.42 -9.58
C PRO B 250 -22.07 -18.54 -8.39
N ALA B 251 -21.13 -17.95 -7.64
CA ALA B 251 -21.47 -17.00 -6.59
C ALA B 251 -22.28 -15.81 -7.09
N VAL B 252 -21.86 -15.26 -8.23
CA VAL B 252 -22.53 -14.12 -8.80
C VAL B 252 -23.91 -14.52 -9.35
N CYS B 253 -23.98 -15.63 -10.07
CA CYS B 253 -25.25 -16.05 -10.64
C CYS B 253 -26.24 -16.39 -9.53
N GLU B 254 -25.74 -16.97 -8.45
CA GLU B 254 -26.63 -17.24 -7.35
C GLU B 254 -27.27 -15.96 -6.81
N PHE B 255 -26.44 -14.94 -6.61
CA PHE B 255 -26.91 -13.67 -6.07
C PHE B 255 -27.89 -13.03 -7.07
N LEU B 256 -27.54 -13.04 -8.35
CA LEU B 256 -28.38 -12.42 -9.37
C LEU B 256 -29.77 -13.06 -9.47
N GLN B 257 -29.85 -14.38 -9.58
CA GLN B 257 -31.19 -15.00 -9.66
C GLN B 257 -31.98 -14.89 -8.36
N HIS B 258 -31.31 -14.97 -7.23
CA HIS B 258 -32.00 -14.83 -5.97
C HIS B 258 -32.65 -13.45 -5.89
N ASN B 259 -31.92 -12.41 -6.31
CA ASN B 259 -32.42 -11.06 -6.17
C ASN B 259 -33.11 -10.49 -7.40
N ASN B 260 -33.37 -11.35 -8.38
CA ASN B 260 -33.87 -10.94 -9.70
C ASN B 260 -33.14 -9.76 -10.34
N LEU B 261 -31.81 -9.86 -10.39
CA LEU B 261 -31.00 -8.83 -11.07
C LEU B 261 -30.41 -9.37 -12.35
N LEU B 262 -29.99 -8.48 -13.25
CA LEU B 262 -29.35 -8.85 -14.51
C LEU B 262 -27.81 -8.96 -14.42
N SER B 263 -27.14 -8.03 -13.71
CA SER B 263 -25.68 -8.01 -13.71
C SER B 263 -25.16 -7.21 -12.53
N ILE B 264 -23.91 -7.44 -12.16
CA ILE B 264 -23.16 -6.57 -11.26
C ILE B 264 -22.20 -5.64 -12.07
N LEU B 265 -22.29 -4.34 -11.84
CA LEU B 265 -21.42 -3.37 -12.51
C LEU B 265 -20.43 -2.93 -11.45
N ARG B 266 -19.14 -3.13 -11.68
CA ARG B 266 -18.17 -2.75 -10.66
C ARG B 266 -16.94 -2.15 -11.32
N ALA B 267 -15.97 -1.74 -10.51
CA ALA B 267 -14.75 -1.06 -11.01
C ALA B 267 -13.53 -1.75 -10.38
N HIS B 268 -12.61 -1.02 -9.76
CA HIS B 268 -11.59 -1.64 -8.84
C HIS B 268 -10.43 -2.39 -9.47
N GLU B 269 -10.53 -2.84 -10.71
CA GLU B 269 -9.37 -3.45 -11.39
C GLU B 269 -9.10 -2.80 -12.75
N ALA B 270 -7.87 -2.35 -12.96
CA ALA B 270 -7.49 -1.71 -14.23
C ALA B 270 -7.73 -2.62 -15.43
N GLN B 271 -8.18 -2.02 -16.52
CA GLN B 271 -8.44 -2.76 -17.73
C GLN B 271 -7.82 -2.06 -18.94
N ASP B 272 -7.16 -2.82 -19.80
CA ASP B 272 -6.49 -2.24 -20.93
C ASP B 272 -7.43 -1.49 -21.86
N ALA B 273 -8.61 -2.08 -22.09
CA ALA B 273 -9.69 -1.51 -22.89
C ALA B 273 -10.57 -0.49 -22.15
N GLY B 274 -10.38 -0.35 -20.83
CA GLY B 274 -11.25 0.52 -20.00
C GLY B 274 -12.49 -0.19 -19.48
N TYR B 275 -12.71 -1.44 -19.92
CA TYR B 275 -13.84 -2.21 -19.44
C TYR B 275 -13.53 -3.70 -19.67
N ARG B 276 -14.31 -4.57 -19.03
CA ARG B 276 -14.25 -6.01 -19.33
C ARG B 276 -15.59 -6.61 -19.05
N MET B 277 -16.06 -7.44 -19.98
CA MET B 277 -17.32 -8.09 -19.78
C MET B 277 -17.02 -9.54 -19.50
N TYR B 278 -17.70 -10.10 -18.51
CA TYR B 278 -17.39 -11.45 -18.09
C TYR B 278 -18.48 -12.38 -18.57
N ARG B 279 -18.37 -13.66 -18.20
CA ARG B 279 -19.25 -14.68 -18.74
C ARG B 279 -20.73 -14.36 -18.60
N LYS B 280 -21.45 -14.62 -19.69
CA LYS B 280 -22.86 -14.35 -19.74
C LYS B 280 -23.57 -15.24 -18.74
N SER B 281 -24.60 -14.71 -18.11
CA SER B 281 -25.60 -15.52 -17.45
C SER B 281 -26.36 -16.37 -18.51
N GLN B 282 -26.54 -17.63 -18.23
CA GLN B 282 -27.29 -18.51 -19.16
C GLN B 282 -28.82 -18.20 -19.15
N THR B 283 -29.37 -17.85 -17.97
CA THR B 283 -30.77 -17.45 -17.88
C THR B 283 -31.13 -16.16 -18.68
N THR B 284 -30.16 -15.26 -18.94
CA THR B 284 -30.42 -13.94 -19.59
C THR B 284 -29.65 -13.67 -20.88
N GLY B 285 -28.52 -14.37 -21.08
CA GLY B 285 -27.62 -14.06 -22.21
C GLY B 285 -26.81 -12.75 -22.04
N PHE B 286 -26.88 -12.12 -20.86
CA PHE B 286 -26.18 -10.86 -20.61
C PHE B 286 -24.95 -11.09 -19.68
N PRO B 287 -23.83 -10.30 -19.85
CA PRO B 287 -22.66 -10.55 -18.98
C PRO B 287 -23.09 -10.57 -17.50
N SER B 288 -22.66 -11.56 -16.72
CA SER B 288 -22.98 -11.61 -15.27
C SER B 288 -22.34 -10.47 -14.46
N LEU B 289 -21.24 -9.93 -14.98
CA LEU B 289 -20.38 -8.97 -14.30
C LEU B 289 -19.76 -8.13 -15.37
N ILE B 290 -19.63 -6.84 -15.12
CA ILE B 290 -18.88 -5.92 -15.97
C ILE B 290 -17.97 -5.07 -15.06
N THR B 291 -16.69 -4.92 -15.44
CA THR B 291 -15.77 -4.01 -14.75
C THR B 291 -15.65 -2.79 -15.64
N ILE B 292 -15.79 -1.61 -15.05
CA ILE B 292 -15.56 -0.36 -15.78
C ILE B 292 -14.39 0.37 -15.10
N PHE B 293 -13.54 1.02 -15.86
CA PHE B 293 -12.34 1.67 -15.29
C PHE B 293 -12.10 2.94 -16.11
N SER B 294 -12.08 4.08 -15.43
CA SER B 294 -12.20 5.37 -16.10
C SER B 294 -10.91 6.23 -15.99
N ALA B 295 -9.77 5.61 -15.70
CA ALA B 295 -8.46 6.30 -15.61
C ALA B 295 -7.55 5.91 -16.78
N PRO B 296 -7.52 6.74 -17.86
CA PRO B 296 -6.70 6.35 -19.03
C PRO B 296 -5.22 6.47 -18.73
N ASN B 297 -4.40 5.72 -19.46
CA ASN B 297 -2.95 5.73 -19.19
C ASN B 297 -2.69 5.79 -17.70
N TYR B 298 -3.28 4.86 -16.99
CA TYR B 298 -3.16 4.74 -15.52
C TYR B 298 -1.72 4.76 -15.03
N LEU B 299 -1.47 5.61 -14.02
CA LEU B 299 -0.11 5.74 -13.43
C LEU B 299 0.92 6.28 -14.44
N ASP B 300 0.44 6.89 -15.53
CA ASP B 300 1.28 7.41 -16.61
C ASP B 300 2.07 6.32 -17.33
N VAL B 301 1.77 5.05 -17.08
CA VAL B 301 2.48 3.95 -17.74
C VAL B 301 1.59 2.87 -18.39
N TYR B 302 0.37 2.66 -17.92
CA TYR B 302 -0.35 1.47 -18.40
C TYR B 302 -0.64 1.57 -19.89
N ASN B 303 -0.71 2.79 -20.43
CA ASN B 303 -1.18 3.01 -21.83
C ASN B 303 -2.57 2.43 -22.11
N ASN B 304 -3.44 2.37 -21.09
CA ASN B 304 -4.76 1.79 -21.33
C ASN B 304 -5.67 2.90 -21.78
N LYS B 305 -6.78 2.51 -22.42
CA LYS B 305 -7.91 3.39 -22.62
C LYS B 305 -8.70 3.38 -21.31
N ALA B 306 -9.50 4.41 -21.12
CA ALA B 306 -10.51 4.38 -20.06
C ALA B 306 -11.86 4.18 -20.76
N ALA B 307 -12.92 3.89 -20.02
CA ALA B 307 -14.25 3.88 -20.60
C ALA B 307 -15.23 4.36 -19.56
N VAL B 308 -16.39 4.81 -20.02
CA VAL B 308 -17.58 4.92 -19.17
C VAL B 308 -18.72 4.11 -19.83
N LEU B 309 -19.74 3.77 -19.08
CA LEU B 309 -20.85 3.03 -19.64
C LEU B 309 -22.03 3.93 -19.74
N LYS B 310 -22.57 4.14 -20.93
CA LYS B 310 -23.77 4.99 -20.99
C LYS B 310 -24.95 4.06 -21.16
N TYR B 311 -25.71 3.88 -20.09
CA TYR B 311 -26.81 2.93 -20.18
C TYR B 311 -28.12 3.64 -20.48
N GLU B 312 -28.85 3.08 -21.42
CA GLU B 312 -30.11 3.68 -21.83
C GLU B 312 -31.04 2.52 -22.22
N ASN B 313 -32.35 2.76 -22.17
CA ASN B 313 -33.35 1.70 -22.48
C ASN B 313 -32.93 0.81 -23.61
N ASN B 314 -32.60 -0.43 -23.22
CA ASN B 314 -32.17 -1.53 -24.09
C ASN B 314 -30.79 -1.49 -24.75
N VAL B 315 -29.91 -0.59 -24.29
CA VAL B 315 -28.58 -0.50 -24.85
C VAL B 315 -27.53 -0.05 -23.85
N MET B 316 -26.44 -0.79 -23.84
CA MET B 316 -25.29 -0.44 -23.06
C MET B 316 -24.20 0.09 -24.00
N ASN B 317 -24.04 1.41 -24.07
CA ASN B 317 -22.99 1.95 -24.92
C ASN B 317 -21.72 2.13 -24.09
N ILE B 318 -20.69 1.40 -24.42
CA ILE B 318 -19.44 1.59 -23.69
C ILE B 318 -18.63 2.62 -24.51
N ARG B 319 -18.21 3.72 -23.89
CA ARG B 319 -17.47 4.75 -24.65
C ARG B 319 -16.06 4.85 -24.12
N GLN B 320 -15.11 4.56 -25.00
CA GLN B 320 -13.69 4.58 -24.64
C GLN B 320 -13.08 5.96 -24.94
N PHE B 321 -12.04 6.31 -24.19
CA PHE B 321 -11.28 7.53 -24.44
C PHE B 321 -9.85 7.32 -23.97
N ASN B 322 -8.97 8.18 -24.48
CA ASN B 322 -7.56 8.19 -24.16
C ASN B 322 -7.17 9.29 -23.19
N CYS B 323 -5.92 9.27 -22.74
CA CYS B 323 -5.47 10.24 -21.73
C CYS B 323 -5.27 11.64 -22.33
N SER B 324 -5.21 12.66 -21.48
CA SER B 324 -4.91 14.05 -21.84
C SER B 324 -3.65 14.51 -21.09
N PRO B 325 -2.99 15.60 -21.58
CA PRO B 325 -1.79 16.11 -20.88
C PRO B 325 -2.12 16.53 -19.48
N HIS B 326 -1.13 16.47 -18.58
CA HIS B 326 -1.30 17.06 -17.24
C HIS B 326 0.06 17.58 -16.75
N PRO B 327 0.04 18.51 -15.79
CA PRO B 327 1.23 19.08 -15.21
C PRO B 327 2.09 18.07 -14.43
N TYR B 328 3.38 18.37 -14.29
CA TYR B 328 4.35 17.49 -13.67
C TYR B 328 4.44 17.83 -12.21
N TRP B 329 4.61 16.79 -11.40
CA TRP B 329 4.82 16.93 -9.97
C TRP B 329 5.95 15.96 -9.56
N LEU B 330 6.85 16.39 -8.68
CA LEU B 330 7.83 15.47 -8.08
C LEU B 330 7.12 14.50 -7.16
N PRO B 331 7.70 13.28 -6.93
CA PRO B 331 7.08 12.42 -5.89
C PRO B 331 6.76 13.10 -4.57
N ASN B 332 5.65 12.70 -3.97
CA ASN B 332 5.22 13.26 -2.68
C ASN B 332 5.05 14.73 -2.63
N PHE B 333 4.81 15.36 -3.78
CA PHE B 333 4.55 16.82 -3.81
C PHE B 333 5.73 17.61 -3.19
N MET B 334 6.94 17.08 -3.33
CA MET B 334 8.13 17.71 -2.78
C MET B 334 8.40 19.03 -3.53
N ASP B 335 8.86 20.06 -2.81
CA ASP B 335 9.36 21.27 -3.47
C ASP B 335 10.81 21.09 -4.02
N VAL B 336 11.24 21.91 -4.98
CA VAL B 336 12.60 21.73 -5.55
C VAL B 336 13.76 21.99 -4.60
N PHE B 337 13.55 22.78 -3.54
CA PHE B 337 14.63 23.00 -2.53
C PHE B 337 14.83 21.73 -1.71
N THR B 338 13.74 21.19 -1.19
CA THR B 338 13.81 19.94 -0.43
C THR B 338 14.44 18.85 -1.27
N TRP B 339 14.03 18.78 -2.54
CA TRP B 339 14.51 17.78 -3.45
C TRP B 339 16.01 17.87 -3.71
N SER B 340 16.51 19.11 -3.90
CA SER B 340 17.89 19.35 -4.42
C SER B 340 18.92 19.66 -3.33
N LEU B 341 18.46 20.23 -2.22
CA LEU B 341 19.36 20.74 -1.20
C LEU B 341 20.34 19.71 -0.59
N PRO B 342 19.85 18.50 -0.23
CA PRO B 342 20.84 17.52 0.22
C PRO B 342 21.95 17.27 -0.79
N PHE B 343 21.61 17.28 -2.07
CA PHE B 343 22.62 16.93 -3.07
C PHE B 343 23.56 18.12 -3.21
N VAL B 344 23.00 19.31 -3.07
CA VAL B 344 23.77 20.55 -3.16
C VAL B 344 24.81 20.49 -2.03
N GLY B 345 24.31 20.25 -0.82
CA GLY B 345 25.18 20.11 0.35
C GLY B 345 26.32 19.14 0.16
N GLU B 346 26.02 17.92 -0.25
CA GLU B 346 27.07 16.96 -0.40
C GLU B 346 28.06 17.32 -1.55
N LYS B 347 27.56 17.89 -2.66
CA LYS B 347 28.44 18.22 -3.80
C LYS B 347 29.37 19.43 -3.57
N VAL B 348 28.94 20.43 -2.79
CA VAL B 348 29.83 21.54 -2.44
C VAL B 348 30.91 21.09 -1.45
N THR B 349 30.50 20.38 -0.39
CA THR B 349 31.41 19.83 0.57
C THR B 349 32.42 18.94 -0.11
N GLU B 350 31.97 18.05 -0.98
CA GLU B 350 32.90 17.17 -1.71
C GLU B 350 33.92 17.91 -2.58
N MET B 351 33.46 18.98 -3.22
CA MET B 351 34.36 19.83 -3.99
C MET B 351 35.45 20.38 -3.08
N LEU B 352 35.05 20.99 -1.97
CA LEU B 352 36.04 21.57 -1.05
C LEU B 352 37.00 20.53 -0.46
N VAL B 353 36.51 19.32 -0.18
CA VAL B 353 37.38 18.25 0.33
C VAL B 353 38.46 17.96 -0.71
N ASN B 354 38.06 17.84 -1.97
CA ASN B 354 39.03 17.56 -3.02
C ASN B 354 39.97 18.72 -3.27
N VAL B 355 39.49 19.95 -3.19
CA VAL B 355 40.36 21.12 -3.30
C VAL B 355 41.37 21.15 -2.12
N LEU B 356 40.88 21.02 -0.89
CA LEU B 356 41.79 21.08 0.25
C LEU B 356 42.75 19.88 0.32
N ASN B 357 42.38 18.76 -0.30
CA ASN B 357 43.24 17.56 -0.26
C ASN B 357 44.30 17.58 -1.34
N ASP C 1 42.53 32.81 11.50
CA ASP C 1 43.51 31.74 11.56
C ASP C 1 44.88 32.22 11.10
N ALA C 2 45.92 31.84 11.82
CA ALA C 2 47.29 32.22 11.49
C ALA C 2 47.96 31.18 10.61
N ASP C 3 48.12 29.97 11.16
CA ASP C 3 48.76 28.88 10.42
C ASP C 3 47.76 28.21 9.48
N GLU C 4 46.48 28.51 9.67
CA GLU C 4 45.44 27.92 8.83
C GLU C 4 45.46 28.62 7.47
N ILE C 5 45.78 29.92 7.48
CA ILE C 5 45.97 30.72 6.26
C ILE C 5 47.22 30.25 5.54
N LYS C 6 48.29 30.01 6.30
CA LYS C 6 49.54 29.54 5.72
C LYS C 6 49.39 28.17 5.04
N ARG C 7 48.61 27.28 5.65
CA ARG C 7 48.35 25.98 5.05
C ARG C 7 47.45 26.09 3.79
N LEU C 8 46.44 26.95 3.85
CA LEU C 8 45.63 27.26 2.68
C LEU C 8 46.47 27.85 1.53
N GLY C 9 47.37 28.77 1.89
CA GLY C 9 48.39 29.30 0.97
C GLY C 9 49.15 28.22 0.23
N LYS C 10 49.57 27.17 0.95
CA LYS C 10 50.25 26.04 0.29
C LYS C 10 49.40 25.43 -0.81
N ARG C 11 48.17 25.02 -0.46
CA ARG C 11 47.24 24.41 -1.44
C ARG C 11 46.89 25.35 -2.59
N PHE C 12 46.81 26.64 -2.28
CA PHE C 12 46.51 27.67 -3.29
C PHE C 12 47.58 27.74 -4.36
N LYS C 13 48.83 27.87 -3.92
CA LYS C 13 49.99 27.91 -4.83
C LYS C 13 50.08 26.63 -5.64
N LYS C 14 49.83 25.48 -5.01
CA LYS C 14 49.80 24.22 -5.76
C LYS C 14 48.73 24.18 -6.85
N LEU C 15 47.58 24.83 -6.60
CA LEU C 15 46.48 24.84 -7.59
C LEU C 15 46.72 25.86 -8.72
N ASP C 16 47.42 26.94 -8.41
CA ASP C 16 47.65 28.05 -9.31
C ASP C 16 48.76 27.68 -10.30
N LEU C 17 48.41 26.79 -11.23
CA LEU C 17 49.32 26.28 -12.24
C LEU C 17 50.17 27.38 -12.89
N ASP C 18 49.54 28.38 -13.50
CA ASP C 18 50.27 29.43 -14.20
C ASP C 18 50.82 30.52 -13.25
N ASN C 19 50.97 30.21 -11.97
CA ASN C 19 51.41 31.17 -10.95
C ASN C 19 50.88 32.58 -11.08
N SER C 20 49.70 32.75 -11.65
CA SER C 20 49.12 34.09 -11.78
C SER C 20 48.76 34.79 -10.45
N GLY C 21 48.62 34.03 -9.36
CA GLY C 21 48.02 34.57 -8.13
C GLY C 21 46.50 34.44 -8.04
N SER C 22 45.88 33.79 -9.01
CA SER C 22 44.45 33.59 -8.99
C SER C 22 44.09 32.27 -9.60
N LEU C 23 42.95 31.73 -9.20
CA LEU C 23 42.56 30.45 -9.69
C LEU C 23 41.46 30.60 -10.72
N SER C 24 41.74 30.07 -11.91
CA SER C 24 40.81 30.05 -13.03
C SER C 24 39.95 28.81 -12.95
N VAL C 25 38.80 28.85 -13.61
CA VAL C 25 37.95 27.68 -13.77
C VAL C 25 38.76 26.47 -14.27
N GLU C 26 39.52 26.68 -15.35
CA GLU C 26 40.44 25.67 -15.88
C GLU C 26 41.36 25.03 -14.80
N GLU C 27 41.86 25.85 -13.87
CA GLU C 27 42.73 25.35 -12.80
C GLU C 27 42.02 24.54 -11.72
N PHE C 28 40.72 24.77 -11.52
CA PHE C 28 39.92 23.92 -10.64
C PHE C 28 39.60 22.64 -11.40
N MET C 29 39.33 22.79 -12.69
CA MET C 29 38.97 21.65 -13.53
C MET C 29 40.15 20.70 -13.83
N SER C 30 41.32 21.02 -13.31
CA SER C 30 42.52 20.19 -13.46
C SER C 30 42.49 19.02 -12.50
N LEU C 31 41.79 19.18 -11.37
CA LEU C 31 41.59 18.10 -10.41
C LEU C 31 40.51 17.18 -10.97
N PRO C 32 40.83 15.89 -11.15
CA PRO C 32 39.88 15.01 -11.82
C PRO C 32 38.62 14.72 -11.00
N GLU C 33 38.72 14.83 -9.67
CA GLU C 33 37.58 14.56 -8.80
C GLU C 33 36.49 15.66 -8.87
N LEU C 34 36.82 16.78 -9.51
CA LEU C 34 35.89 17.92 -9.67
C LEU C 34 35.24 17.95 -11.05
N GLN C 35 35.70 17.08 -11.94
CA GLN C 35 35.35 17.25 -13.34
C GLN C 35 33.92 16.82 -13.61
N GLN C 36 33.40 15.96 -12.73
CA GLN C 36 32.05 15.47 -12.88
C GLN C 36 31.08 16.05 -11.83
N ASN C 37 31.49 17.13 -11.16
CA ASN C 37 30.70 17.78 -10.08
C ASN C 37 30.00 19.00 -10.66
N PRO C 38 28.67 18.93 -10.84
CA PRO C 38 28.02 20.00 -11.58
C PRO C 38 27.91 21.31 -10.81
N LEU C 39 28.38 21.35 -9.56
CA LEU C 39 28.25 22.54 -8.71
C LEU C 39 29.53 23.35 -8.59
N VAL C 40 30.62 22.83 -9.15
CA VAL C 40 31.89 23.53 -9.16
C VAL C 40 31.72 24.96 -9.71
N GLN C 41 31.08 25.11 -10.85
CA GLN C 41 30.95 26.45 -11.46
C GLN C 41 30.14 27.44 -10.58
N ARG C 42 29.18 26.92 -9.81
CA ARG C 42 28.45 27.75 -8.82
C ARG C 42 29.34 28.16 -7.66
N VAL C 43 30.11 27.22 -7.12
CA VAL C 43 31.00 27.51 -5.97
C VAL C 43 32.07 28.54 -6.36
N ILE C 44 32.66 28.36 -7.55
CA ILE C 44 33.65 29.34 -8.05
C ILE C 44 33.00 30.72 -8.14
N ASP C 45 31.82 30.79 -8.72
CA ASP C 45 31.19 32.08 -8.94
C ASP C 45 30.87 32.81 -7.65
N ILE C 46 30.53 32.02 -6.63
CA ILE C 46 30.24 32.55 -5.31
C ILE C 46 31.52 33.04 -4.64
N PHE C 47 32.61 32.28 -4.77
CA PHE C 47 33.89 32.69 -4.18
C PHE C 47 34.38 33.95 -4.88
N ASP C 48 34.17 34.01 -6.20
CA ASP C 48 34.56 35.15 -7.06
C ASP C 48 33.73 36.43 -6.76
N THR C 49 33.96 37.00 -5.60
CA THR C 49 33.29 38.22 -5.14
C THR C 49 33.37 39.45 -6.08
N ASP C 50 34.47 39.63 -6.80
CA ASP C 50 34.55 40.79 -7.69
C ASP C 50 34.07 40.49 -9.12
N GLY C 51 33.56 39.29 -9.36
CA GLY C 51 33.05 39.00 -10.70
C GLY C 51 34.07 39.03 -11.83
N ASN C 52 35.36 38.88 -11.54
CA ASN C 52 36.32 38.87 -12.67
C ASN C 52 36.53 37.48 -13.31
N GLY C 53 35.96 36.45 -12.70
CA GLY C 53 35.98 35.09 -13.29
C GLY C 53 37.01 34.19 -12.65
N GLU C 54 37.85 34.77 -11.80
CA GLU C 54 38.90 34.03 -11.13
C GLU C 54 38.82 34.26 -9.64
N VAL C 55 39.40 33.31 -8.90
CA VAL C 55 39.43 33.36 -7.41
C VAL C 55 40.80 33.78 -6.90
N ASP C 56 40.90 34.98 -6.35
CA ASP C 56 42.16 35.44 -5.77
C ASP C 56 42.28 34.87 -4.34
N PHE C 57 43.37 35.17 -3.62
CA PHE C 57 43.68 34.45 -2.38
C PHE C 57 42.73 34.85 -1.28
N LYS C 58 42.42 36.15 -1.22
CA LYS C 58 41.49 36.66 -0.23
C LYS C 58 40.10 36.05 -0.44
N GLU C 59 39.68 35.97 -1.70
CA GLU C 59 38.43 35.34 -2.11
C GLU C 59 38.38 33.87 -1.67
N PHE C 60 39.50 33.16 -1.90
CA PHE C 60 39.71 31.78 -1.51
C PHE C 60 39.60 31.58 -0.01
N ILE C 61 40.32 32.37 0.78
CA ILE C 61 40.21 32.32 2.23
C ILE C 61 38.76 32.48 2.68
N GLU C 62 38.15 33.60 2.31
CA GLU C 62 36.84 33.95 2.84
C GLU C 62 35.77 32.95 2.39
N GLY C 63 35.97 32.34 1.22
CA GLY C 63 35.05 31.33 0.74
C GLY C 63 35.14 30.09 1.59
N VAL C 64 36.37 29.65 1.86
CA VAL C 64 36.61 28.40 2.58
C VAL C 64 36.19 28.49 4.03
N SER C 65 36.29 29.68 4.60
CA SER C 65 35.93 29.88 5.99
C SER C 65 34.40 29.86 6.22
N GLN C 66 33.63 29.76 5.14
CA GLN C 66 32.19 29.55 5.28
C GLN C 66 31.86 28.11 5.72
N PHE C 67 32.83 27.21 5.62
CA PHE C 67 32.61 25.81 5.91
C PHE C 67 33.29 25.30 7.19
N SER C 68 33.57 26.22 8.11
CA SER C 68 34.18 25.86 9.40
C SER C 68 33.19 25.19 10.36
N VAL C 69 33.72 24.49 11.38
CA VAL C 69 32.86 23.78 12.34
C VAL C 69 32.11 24.75 13.24
N LYS C 70 32.75 25.90 13.49
CA LYS C 70 32.21 26.95 14.35
C LYS C 70 30.98 27.60 13.71
N GLY C 71 30.95 27.65 12.38
CA GLY C 71 29.84 28.28 11.65
C GLY C 71 28.46 27.84 12.09
N ASP C 72 27.59 28.80 12.43
CA ASP C 72 26.25 28.42 12.87
C ASP C 72 25.32 28.10 11.71
N LYS C 73 24.11 27.67 12.06
CA LYS C 73 23.13 27.19 11.10
C LYS C 73 22.80 28.25 10.04
N GLU C 74 22.57 29.47 10.50
CA GLU C 74 22.15 30.55 9.63
C GLU C 74 23.19 30.82 8.53
N GLN C 75 24.47 30.77 8.91
CA GLN C 75 25.58 30.99 8.00
C GLN C 75 25.66 29.95 6.87
N LYS C 76 25.36 28.70 7.21
CA LYS C 76 25.37 27.63 6.22
C LYS C 76 24.18 27.72 5.31
N LEU C 77 23.03 28.07 5.88
CA LEU C 77 21.87 28.34 5.06
C LEU C 77 22.10 29.48 4.08
N ARG C 78 22.92 30.47 4.48
CA ARG C 78 23.26 31.60 3.60
C ARG C 78 24.04 31.11 2.40
N PHE C 79 25.01 30.24 2.66
CA PHE C 79 25.83 29.72 1.58
C PHE C 79 24.93 28.93 0.65
N ALA C 80 24.08 28.08 1.20
CA ALA C 80 23.15 27.33 0.34
C ALA C 80 22.26 28.28 -0.50
N PHE C 81 21.79 29.38 0.08
CA PHE C 81 20.98 30.34 -0.68
C PHE C 81 21.76 30.92 -1.90
N ARG C 82 23.03 31.23 -1.67
CA ARG C 82 23.95 31.77 -2.69
C ARG C 82 24.13 30.85 -3.88
N ILE C 83 24.04 29.56 -3.60
CA ILE C 83 24.04 28.61 -4.68
C ILE C 83 22.93 28.92 -5.68
N TYR C 84 21.74 29.24 -5.21
CA TYR C 84 20.61 29.46 -6.12
C TYR C 84 20.52 30.88 -6.64
N ASP C 85 21.03 31.84 -5.88
CA ASP C 85 20.88 33.25 -6.24
C ASP C 85 21.98 33.67 -7.21
N MET C 86 21.87 33.26 -8.47
CA MET C 86 23.00 33.46 -9.40
C MET C 86 23.45 34.91 -9.49
N ASP C 87 22.52 35.87 -9.48
CA ASP C 87 22.95 37.28 -9.69
C ASP C 87 23.30 38.01 -8.41
N LYS C 88 23.19 37.32 -7.28
CA LYS C 88 23.64 37.86 -5.99
C LYS C 88 22.83 39.07 -5.47
N ASP C 89 21.59 39.22 -5.91
CA ASP C 89 20.78 40.38 -5.47
C ASP C 89 19.95 40.16 -4.22
N GLY C 90 20.05 38.96 -3.63
CA GLY C 90 19.29 38.62 -2.44
C GLY C 90 17.97 37.90 -2.68
N TYR C 91 17.57 37.68 -3.94
CA TYR C 91 16.26 37.07 -4.23
C TYR C 91 16.44 36.00 -5.27
N ILE C 92 15.86 34.83 -5.05
CA ILE C 92 15.99 33.74 -6.01
C ILE C 92 14.81 33.90 -6.94
N SER C 93 15.09 34.15 -8.21
CA SER C 93 14.04 34.34 -9.18
C SER C 93 13.71 33.00 -9.85
N ASN C 94 12.57 32.95 -10.51
CA ASN C 94 12.16 31.78 -11.28
C ASN C 94 13.25 31.29 -12.28
N GLY C 95 13.79 32.19 -13.11
CA GLY C 95 14.90 31.86 -14.01
C GLY C 95 16.13 31.31 -13.32
N GLU C 96 16.53 31.89 -12.18
CA GLU C 96 17.72 31.40 -11.47
C GLU C 96 17.52 29.99 -10.97
N LEU C 97 16.38 29.77 -10.35
CA LEU C 97 16.06 28.50 -9.72
C LEU C 97 15.99 27.40 -10.83
N PHE C 98 15.35 27.71 -11.93
CA PHE C 98 15.39 26.83 -13.11
C PHE C 98 16.83 26.49 -13.57
N GLN C 99 17.66 27.51 -13.79
CA GLN C 99 19.02 27.28 -14.31
C GLN C 99 19.91 26.48 -13.38
N VAL C 100 19.82 26.74 -12.09
CA VAL C 100 20.62 26.02 -11.15
C VAL C 100 20.15 24.55 -11.06
N LEU C 101 18.84 24.35 -10.97
CA LEU C 101 18.34 22.98 -10.99
C LEU C 101 18.78 22.24 -12.27
N LYS C 102 18.67 22.91 -13.42
CA LYS C 102 19.09 22.35 -14.71
C LYS C 102 20.51 21.81 -14.68
N MET C 103 21.42 22.51 -13.99
CA MET C 103 22.81 22.04 -13.84
C MET C 103 22.93 20.68 -13.18
N MET C 104 22.04 20.41 -12.22
CA MET C 104 22.07 19.20 -11.41
C MET C 104 21.30 18.04 -12.00
N VAL C 105 20.19 18.34 -12.67
CA VAL C 105 19.25 17.32 -13.15
C VAL C 105 19.68 16.74 -14.53
N GLY C 106 20.34 17.60 -15.30
CA GLY C 106 20.79 17.29 -16.67
C GLY C 106 19.60 17.01 -17.55
N ASN C 107 19.65 15.84 -18.17
CA ASN C 107 18.60 15.43 -19.10
C ASN C 107 17.48 14.67 -18.41
N ASN C 108 17.55 14.48 -17.09
CA ASN C 108 16.52 13.67 -16.40
C ASN C 108 15.11 14.26 -16.34
N LEU C 109 15.01 15.56 -16.60
CA LEU C 109 13.70 16.20 -16.72
C LEU C 109 13.65 16.95 -18.01
N LYS C 110 12.49 16.97 -18.64
CA LYS C 110 12.29 17.86 -19.78
C LYS C 110 12.20 19.29 -19.25
N ASP C 111 12.59 20.26 -20.08
CA ASP C 111 12.38 21.67 -19.73
C ASP C 111 10.98 22.01 -19.22
N THR C 112 9.94 21.57 -19.89
CA THR C 112 8.57 21.88 -19.46
C THR C 112 8.25 21.36 -18.04
N GLN C 113 8.71 20.13 -17.73
CA GLN C 113 8.54 19.51 -16.38
C GLN C 113 9.31 20.30 -15.33
N LEU C 114 10.56 20.62 -15.64
CA LEU C 114 11.36 21.40 -14.67
C LEU C 114 10.75 22.77 -14.38
N GLN C 115 10.30 23.43 -15.43
CA GLN C 115 9.66 24.75 -15.26
C GLN C 115 8.40 24.68 -14.41
N GLN C 116 7.59 23.65 -14.60
CA GLN C 116 6.36 23.47 -13.82
C GLN C 116 6.62 23.27 -12.34
N ILE C 117 7.64 22.49 -11.98
CA ILE C 117 7.93 22.28 -10.56
C ILE C 117 8.66 23.49 -9.91
N VAL C 118 9.41 24.24 -10.73
CA VAL C 118 9.98 25.54 -10.29
C VAL C 118 8.85 26.49 -9.95
N ASP C 119 7.87 26.63 -10.86
CA ASP C 119 6.74 27.53 -10.64
C ASP C 119 6.01 27.19 -9.34
N LYS C 120 5.68 25.91 -9.17
CA LYS C 120 4.97 25.48 -7.98
C LYS C 120 5.75 25.67 -6.70
N THR C 121 7.06 25.55 -6.75
CA THR C 121 7.83 25.72 -5.50
C THR C 121 7.78 27.20 -5.11
N ILE C 122 8.00 28.07 -6.09
CA ILE C 122 7.89 29.50 -5.87
C ILE C 122 6.50 29.93 -5.35
N ILE C 123 5.42 29.51 -6.01
CA ILE C 123 4.08 29.86 -5.54
C ILE C 123 3.87 29.42 -4.09
N ASN C 124 4.31 28.21 -3.75
CA ASN C 124 4.09 27.74 -2.40
C ASN C 124 4.97 28.49 -1.38
N ALA C 125 6.17 28.88 -1.77
CA ALA C 125 7.11 29.51 -0.84
C ALA C 125 7.07 31.05 -0.79
N ASP C 126 6.35 31.67 -1.73
CA ASP C 126 6.37 33.12 -1.94
C ASP C 126 5.33 33.82 -1.05
N LYS C 127 5.70 34.10 0.19
CA LYS C 127 4.76 34.66 1.15
C LYS C 127 4.39 36.11 0.84
N ASP C 128 5.30 36.86 0.23
CA ASP C 128 5.03 38.28 0.00
C ASP C 128 4.55 38.59 -1.41
N GLY C 129 4.31 37.56 -2.22
CA GLY C 129 3.72 37.74 -3.53
C GLY C 129 4.51 38.40 -4.64
N ASP C 130 5.84 38.47 -4.52
CA ASP C 130 6.61 39.13 -5.58
C ASP C 130 7.13 38.15 -6.66
N GLY C 131 6.79 36.87 -6.52
CA GLY C 131 7.25 35.91 -7.51
C GLY C 131 8.72 35.56 -7.39
N ARG C 132 9.38 35.95 -6.29
CA ARG C 132 10.80 35.64 -6.03
C ARG C 132 10.95 35.12 -4.62
N ILE C 133 12.07 34.48 -4.31
CA ILE C 133 12.26 33.92 -2.95
C ILE C 133 13.37 34.66 -2.20
N SER C 134 12.99 35.34 -1.12
CA SER C 134 13.91 36.09 -0.24
C SER C 134 14.60 35.10 0.71
N PHE C 135 15.64 35.54 1.43
CA PHE C 135 16.32 34.62 2.32
C PHE C 135 15.37 34.16 3.43
N GLU C 136 14.51 35.05 3.93
CA GLU C 136 13.53 34.67 4.94
C GLU C 136 12.60 33.53 4.43
N GLU C 137 12.09 33.69 3.21
CA GLU C 137 11.18 32.71 2.61
C GLU C 137 11.91 31.38 2.38
N PHE C 138 13.19 31.47 2.02
CA PHE C 138 14.05 30.31 1.83
C PHE C 138 14.19 29.55 3.14
N CYS C 139 14.57 30.21 4.22
CA CYS C 139 14.73 29.55 5.52
C CYS C 139 13.45 28.88 6.07
N ALA C 140 12.31 29.51 5.83
CA ALA C 140 11.02 28.92 6.20
C ALA C 140 10.78 27.60 5.46
N VAL C 141 11.15 27.53 4.18
CA VAL C 141 10.99 26.29 3.41
C VAL C 141 11.96 25.18 3.80
N VAL C 142 13.24 25.51 3.96
CA VAL C 142 14.25 24.47 4.14
C VAL C 142 14.66 24.30 5.58
N GLY C 143 14.02 25.07 6.46
CA GLY C 143 14.39 25.15 7.88
C GLY C 143 14.57 23.83 8.60
N GLY C 144 13.67 22.87 8.40
CA GLY C 144 13.78 21.59 9.08
C GLY C 144 14.72 20.56 8.49
N LEU C 145 15.46 20.89 7.43
CA LEU C 145 16.31 19.88 6.78
C LEU C 145 17.68 19.53 7.41
N ASP C 146 18.18 20.37 8.32
CA ASP C 146 19.48 20.09 8.96
C ASP C 146 20.70 19.93 8.01
N ILE C 147 20.68 20.64 6.87
CA ILE C 147 21.76 20.50 5.90
C ILE C 147 23.05 21.25 6.30
N HIS C 148 22.90 22.26 7.16
CA HIS C 148 24.05 22.92 7.77
C HIS C 148 25.03 21.91 8.37
N LYS C 149 24.50 20.83 8.93
CA LYS C 149 25.30 19.79 9.59
C LYS C 149 26.21 19.09 8.59
N LYS C 150 25.77 18.99 7.35
CA LYS C 150 26.54 18.34 6.29
C LYS C 150 27.16 19.36 5.31
N MET C 151 27.78 20.40 5.86
CA MET C 151 28.50 21.46 5.11
C MET C 151 29.67 21.96 5.96
N VAL C 152 30.59 21.04 6.21
CA VAL C 152 31.71 21.27 7.10
C VAL C 152 32.96 20.69 6.44
N VAL C 153 34.06 21.44 6.50
CA VAL C 153 35.36 20.95 6.05
C VAL C 153 36.42 21.33 7.10
N ASP C 154 37.34 20.41 7.39
CA ASP C 154 38.44 20.70 8.32
C ASP C 154 39.56 21.43 7.55
N VAL C 155 39.66 22.74 7.82
CA VAL C 155 40.39 23.69 6.96
C VAL C 155 41.93 23.70 7.10
N THR D 1 -10.03 -37.74 20.25
CA THR D 1 -11.09 -36.81 20.72
C THR D 1 -12.11 -36.76 19.60
N ASP D 2 -12.89 -35.68 19.54
CA ASP D 2 -13.85 -35.49 18.47
C ASP D 2 -13.28 -34.66 17.28
N ARG D 3 -11.96 -34.56 17.16
CA ARG D 3 -11.33 -33.84 16.03
C ARG D 3 -11.86 -34.38 14.70
N VAL D 4 -12.40 -33.51 13.84
CA VAL D 4 -13.13 -33.95 12.65
C VAL D 4 -12.21 -34.46 11.52
N VAL D 5 -11.23 -33.64 11.10
CA VAL D 5 -10.29 -34.05 10.02
C VAL D 5 -8.97 -34.56 10.63
N LYS D 6 -8.95 -35.83 11.01
CA LYS D 6 -7.88 -36.33 11.84
C LYS D 6 -6.55 -36.51 11.12
N ALA D 7 -6.59 -36.56 9.79
CA ALA D 7 -5.37 -36.72 9.00
C ALA D 7 -4.50 -35.44 8.97
N VAL D 8 -5.07 -34.28 9.34
CA VAL D 8 -4.37 -33.01 9.34
C VAL D 8 -3.33 -32.98 10.48
N PRO D 9 -2.04 -32.80 10.16
CA PRO D 9 -1.09 -32.63 11.27
C PRO D 9 -1.43 -31.42 12.15
N PHE D 10 -1.20 -31.57 13.45
CA PHE D 10 -1.58 -30.58 14.46
C PHE D 10 -0.26 -29.93 14.89
N PRO D 11 -0.20 -28.59 15.00
CA PRO D 11 1.07 -27.98 15.45
C PRO D 11 1.46 -28.28 16.90
N PRO D 12 2.76 -28.44 17.17
CA PRO D 12 3.19 -28.62 18.56
C PRO D 12 3.05 -27.35 19.36
N SER D 13 2.71 -27.52 20.63
CA SER D 13 2.52 -26.42 21.54
C SER D 13 3.76 -26.03 22.31
N HIS D 14 4.72 -26.97 22.40
CA HIS D 14 5.98 -26.66 23.08
C HIS D 14 6.76 -25.57 22.31
N ARG D 15 7.23 -24.58 23.05
CA ARG D 15 8.06 -23.51 22.50
C ARG D 15 9.53 -23.75 22.82
N LEU D 16 10.39 -23.85 21.79
CA LEU D 16 11.83 -24.22 21.94
C LEU D 16 12.59 -23.25 22.81
N THR D 17 13.41 -23.82 23.70
CA THR D 17 14.16 -23.07 24.71
C THR D 17 15.50 -22.68 24.14
N ALA D 18 16.23 -21.83 24.84
CA ALA D 18 17.55 -21.41 24.40
C ALA D 18 18.49 -22.60 24.26
N LYS D 19 18.45 -23.49 25.25
CA LYS D 19 19.23 -24.71 25.23
C LYS D 19 18.88 -25.65 24.08
N GLU D 20 17.63 -25.66 23.63
CA GLU D 20 17.27 -26.52 22.50
C GLU D 20 17.76 -25.94 21.17
N VAL D 21 17.75 -24.60 21.02
CA VAL D 21 18.11 -23.92 19.74
C VAL D 21 19.64 -23.66 19.56
N PHE D 22 20.33 -23.25 20.62
CA PHE D 22 21.74 -22.93 20.63
C PHE D 22 22.54 -23.99 21.40
N ASP D 23 23.59 -24.48 20.78
CA ASP D 23 24.44 -25.48 21.46
C ASP D 23 25.43 -24.72 22.35
N ASN D 24 26.19 -25.42 23.21
CA ASN D 24 27.04 -24.71 24.16
C ASN D 24 28.25 -24.00 23.54
N ASP D 25 28.38 -24.16 22.23
CA ASP D 25 29.30 -23.41 21.42
C ASP D 25 28.69 -22.09 20.84
N GLY D 26 27.41 -21.81 21.11
CA GLY D 26 26.73 -20.63 20.57
C GLY D 26 26.15 -20.82 19.17
N LYS D 27 26.29 -22.02 18.62
CA LYS D 27 25.83 -22.33 17.28
C LYS D 27 24.37 -22.77 17.25
N PRO D 28 23.55 -22.08 16.44
CA PRO D 28 22.13 -22.50 16.35
C PRO D 28 22.04 -23.89 15.71
N ARG D 29 21.13 -24.72 16.21
CA ARG D 29 20.75 -26.00 15.56
C ARG D 29 19.70 -25.77 14.46
N VAL D 30 20.17 -25.48 13.25
CA VAL D 30 19.26 -25.06 12.19
C VAL D 30 18.40 -26.23 11.69
N ASP D 31 18.91 -27.45 11.91
CA ASP D 31 18.15 -28.65 11.58
C ASP D 31 16.93 -28.75 12.54
N ILE D 32 17.15 -28.53 13.81
CA ILE D 32 16.06 -28.62 14.74
C ILE D 32 15.07 -27.48 14.43
N LEU D 33 15.64 -26.31 14.19
CA LEU D 33 14.87 -25.09 13.99
C LEU D 33 13.96 -25.31 12.82
N LYS D 34 14.52 -25.84 11.74
CA LYS D 34 13.77 -26.09 10.50
C LYS D 34 12.59 -27.02 10.70
N ALA D 35 12.83 -28.14 11.38
CA ALA D 35 11.78 -29.16 11.60
C ALA D 35 10.64 -28.59 12.44
N HIS D 36 10.98 -27.82 13.48
CA HIS D 36 9.94 -27.25 14.38
C HIS D 36 9.14 -26.17 13.64
N LEU D 37 9.81 -25.29 12.92
CA LEU D 37 9.10 -24.20 12.21
C LEU D 37 8.23 -24.74 11.08
N MET D 38 8.64 -25.83 10.45
CA MET D 38 7.80 -26.45 9.40
C MET D 38 6.48 -27.06 9.90
N LYS D 39 6.43 -27.35 11.20
CA LYS D 39 5.22 -27.85 11.86
C LYS D 39 4.42 -26.70 12.48
N GLU D 40 4.84 -25.46 12.21
CA GLU D 40 4.24 -24.27 12.74
C GLU D 40 4.43 -24.19 14.26
N GLY D 41 5.57 -24.63 14.75
CA GLY D 41 5.88 -24.45 16.19
C GLY D 41 6.49 -23.10 16.41
N ARG D 42 6.55 -22.66 17.67
CA ARG D 42 7.15 -21.39 17.97
C ARG D 42 8.37 -21.60 18.84
N LEU D 43 9.23 -20.57 18.88
CA LEU D 43 10.29 -20.48 19.85
C LEU D 43 9.80 -19.75 21.10
N GLU D 44 10.52 -19.89 22.21
CA GLU D 44 10.26 -19.00 23.32
C GLU D 44 10.59 -17.59 22.82
N GLU D 45 9.86 -16.60 23.32
CA GLU D 45 10.07 -15.26 22.83
C GLU D 45 11.49 -14.73 23.09
N SER D 46 12.07 -15.04 24.26
CA SER D 46 13.46 -14.66 24.54
C SER D 46 14.47 -15.30 23.56
N VAL D 47 14.13 -16.46 23.02
CA VAL D 47 15.00 -17.16 22.06
C VAL D 47 14.91 -16.54 20.65
N ALA D 48 13.67 -16.21 20.23
CA ALA D 48 13.44 -15.38 19.04
C ALA D 48 14.27 -14.11 19.11
N LEU D 49 14.21 -13.44 20.23
CA LEU D 49 14.98 -12.18 20.40
C LEU D 49 16.48 -12.40 20.30
N ARG D 50 16.94 -13.53 20.85
CA ARG D 50 18.36 -13.83 20.79
C ARG D 50 18.78 -14.03 19.35
N ILE D 51 17.99 -14.74 18.55
CA ILE D 51 18.39 -14.93 17.17
C ILE D 51 18.43 -13.59 16.42
N ILE D 52 17.40 -12.76 16.65
CA ILE D 52 17.27 -11.49 15.90
C ILE D 52 18.43 -10.53 16.28
N THR D 53 18.71 -10.40 17.56
CA THR D 53 19.77 -9.48 18.02
C THR D 53 21.17 -9.99 17.68
N GLU D 54 21.43 -11.29 17.78
CA GLU D 54 22.76 -11.81 17.40
C GLU D 54 22.96 -11.69 15.89
N GLY D 55 21.92 -11.89 15.10
CA GLY D 55 22.09 -11.74 13.63
C GLY D 55 22.37 -10.26 13.33
N ALA D 56 21.66 -9.35 13.99
CA ALA D 56 21.81 -7.91 13.75
C ALA D 56 23.22 -7.44 14.10
N SER D 57 23.78 -7.94 15.20
CA SER D 57 25.17 -7.63 15.59
C SER D 57 26.21 -7.99 14.50
N ILE D 58 25.95 -9.08 13.79
CA ILE D 58 26.76 -9.53 12.65
C ILE D 58 26.57 -8.62 11.46
N LEU D 59 25.32 -8.28 11.12
CA LEU D 59 25.00 -7.40 10.00
C LEU D 59 25.59 -6.04 10.25
N ARG D 60 25.50 -5.60 11.48
CA ARG D 60 25.95 -4.25 11.86
C ARG D 60 27.40 -4.03 11.55
N GLN D 61 28.21 -5.08 11.67
CA GLN D 61 29.65 -5.03 11.32
C GLN D 61 29.95 -5.02 9.81
N GLU D 62 28.99 -5.41 8.99
CA GLU D 62 29.23 -5.48 7.55
C GLU D 62 29.19 -4.09 6.86
N LYS D 63 29.86 -3.99 5.72
CA LYS D 63 29.87 -2.77 4.91
C LYS D 63 28.51 -2.53 4.17
N ASN D 64 28.24 -1.31 3.71
CA ASN D 64 27.05 -1.01 2.94
C ASN D 64 27.04 -1.83 1.65
N LEU D 65 28.24 -1.97 1.08
CA LEU D 65 28.46 -2.65 -0.15
C LEU D 65 29.30 -3.86 0.16
N LEU D 66 28.73 -5.06 0.01
CA LEU D 66 29.46 -6.27 0.35
C LEU D 66 30.37 -6.65 -0.81
N ASP D 67 31.47 -7.33 -0.53
CA ASP D 67 32.32 -7.82 -1.61
C ASP D 67 32.25 -9.32 -1.56
N ILE D 68 31.60 -9.94 -2.53
CA ILE D 68 31.28 -11.38 -2.46
C ILE D 68 31.90 -12.05 -3.64
N ASP D 69 32.71 -13.09 -3.41
CA ASP D 69 33.27 -13.77 -4.56
C ASP D 69 32.50 -15.00 -4.98
N ALA D 70 32.60 -15.34 -6.25
CA ALA D 70 31.98 -16.55 -6.78
C ALA D 70 32.68 -17.77 -6.19
N PRO D 71 32.05 -18.95 -6.16
CA PRO D 71 30.69 -19.30 -6.56
C PRO D 71 29.66 -18.76 -5.55
N VAL D 72 28.46 -18.46 -6.03
CA VAL D 72 27.42 -17.95 -5.14
C VAL D 72 26.06 -18.24 -5.79
N THR D 73 25.05 -18.50 -4.96
CA THR D 73 23.65 -18.63 -5.37
C THR D 73 22.89 -17.34 -5.00
N VAL D 74 22.34 -16.67 -6.00
CA VAL D 74 21.68 -15.36 -5.81
C VAL D 74 20.17 -15.57 -5.88
N CYS D 75 19.48 -15.04 -4.84
CA CYS D 75 18.07 -15.29 -4.65
C CYS D 75 17.36 -13.97 -4.52
N GLY D 76 16.15 -13.91 -5.09
CA GLY D 76 15.31 -12.70 -5.05
C GLY D 76 14.23 -12.82 -3.99
N ASP D 77 13.10 -12.16 -4.18
CA ASP D 77 12.08 -12.04 -3.13
C ASP D 77 11.54 -13.38 -2.59
N ILE D 78 11.27 -13.43 -1.28
CA ILE D 78 10.73 -14.60 -0.55
C ILE D 78 9.33 -14.29 -0.02
N HIS D 79 9.17 -13.07 0.51
CA HIS D 79 7.83 -12.64 1.03
C HIS D 79 7.09 -13.66 1.88
N GLY D 80 7.78 -14.17 2.89
CA GLY D 80 7.11 -14.94 3.99
C GLY D 80 6.60 -16.30 3.53
N GLN D 81 7.05 -16.75 2.36
CA GLN D 81 6.64 -18.05 1.80
C GLN D 81 7.70 -19.08 2.27
N PHE D 82 7.64 -19.39 3.55
CA PHE D 82 8.66 -20.19 4.23
C PHE D 82 8.79 -21.61 3.63
N PHE D 83 7.66 -22.20 3.23
CA PHE D 83 7.64 -23.56 2.68
C PHE D 83 8.29 -23.62 1.29
N ASP D 84 8.24 -22.52 0.55
CA ASP D 84 9.05 -22.38 -0.65
C ASP D 84 10.52 -22.04 -0.38
N LEU D 85 10.82 -21.27 0.67
CA LEU D 85 12.23 -21.10 1.07
C LEU D 85 12.89 -22.46 1.35
N MET D 86 12.16 -23.38 1.98
CA MET D 86 12.73 -24.73 2.24
C MET D 86 13.07 -25.42 0.92
N LYS D 87 12.23 -25.26 -0.09
CA LYS D 87 12.54 -25.82 -1.42
C LYS D 87 13.68 -25.07 -2.10
N LEU D 88 13.73 -23.76 -1.92
CA LEU D 88 14.82 -22.99 -2.48
C LEU D 88 16.17 -23.60 -2.07
N PHE D 89 16.34 -23.87 -0.78
CA PHE D 89 17.59 -24.48 -0.29
C PHE D 89 17.87 -25.87 -0.87
N GLU D 90 16.84 -26.67 -1.06
CA GLU D 90 17.02 -27.90 -1.82
C GLU D 90 17.58 -27.65 -3.21
N VAL D 91 16.99 -26.71 -3.94
CA VAL D 91 17.43 -26.36 -5.28
C VAL D 91 18.80 -25.68 -5.35
N GLY D 92 19.06 -24.73 -4.45
CA GLY D 92 20.31 -23.97 -4.53
C GLY D 92 21.46 -24.76 -3.93
N GLY D 93 21.17 -25.67 -3.01
CA GLY D 93 22.27 -26.29 -2.26
C GLY D 93 22.34 -25.91 -0.80
N SER D 94 22.87 -26.83 0.00
CA SER D 94 22.86 -26.65 1.44
C SER D 94 23.72 -25.47 1.79
N PRO D 95 23.26 -24.62 2.71
CA PRO D 95 24.08 -23.49 3.15
C PRO D 95 25.38 -23.95 3.82
N ALA D 96 25.46 -25.22 4.25
CA ALA D 96 26.73 -25.72 4.82
C ALA D 96 27.88 -25.78 3.80
N ASN D 97 27.55 -25.85 2.51
CA ASN D 97 28.58 -25.90 1.48
C ASN D 97 28.32 -25.02 0.22
N THR D 98 27.42 -24.05 0.36
CA THR D 98 27.03 -23.19 -0.73
C THR D 98 26.94 -21.77 -0.20
N ARG D 99 27.54 -20.83 -0.92
CA ARG D 99 27.49 -19.41 -0.62
C ARG D 99 26.17 -18.84 -1.18
N TYR D 100 25.50 -18.00 -0.40
CA TYR D 100 24.16 -17.44 -0.77
C TYR D 100 24.17 -15.95 -0.68
N LEU D 101 23.44 -15.30 -1.59
CA LEU D 101 23.20 -13.84 -1.47
C LEU D 101 21.72 -13.64 -1.69
N PHE D 102 21.02 -13.13 -0.69
CA PHE D 102 19.59 -12.84 -0.88
C PHE D 102 19.44 -11.37 -1.08
N LEU D 103 18.57 -10.98 -2.01
CA LEU D 103 18.38 -9.62 -2.42
C LEU D 103 17.27 -8.85 -1.67
N GLY D 104 16.67 -9.42 -0.62
CA GLY D 104 15.67 -8.66 0.20
C GLY D 104 14.22 -9.03 0.02
N ASP D 105 13.30 -8.26 0.59
CA ASP D 105 11.89 -8.62 0.60
C ASP D 105 11.61 -10.01 1.13
N TYR D 106 12.12 -10.22 2.36
CA TYR D 106 11.91 -11.43 3.14
C TYR D 106 10.48 -11.54 3.73
N VAL D 107 9.84 -10.40 4.02
CA VAL D 107 8.61 -10.35 4.81
C VAL D 107 7.43 -9.75 4.04
N ASP D 108 6.24 -9.77 4.66
CA ASP D 108 4.95 -9.25 4.08
C ASP D 108 4.39 -10.13 2.97
N ARG D 109 3.05 -10.14 2.87
CA ARG D 109 2.23 -10.84 1.84
C ARG D 109 2.07 -12.33 2.13
N GLY D 110 3.17 -13.09 2.21
CA GLY D 110 3.11 -14.48 2.75
C GLY D 110 2.80 -14.49 4.24
N TYR D 111 2.25 -15.58 4.74
CA TYR D 111 1.89 -15.63 6.16
C TYR D 111 2.93 -16.29 7.06
N PHE D 112 4.13 -16.53 6.51
CA PHE D 112 5.21 -17.10 7.33
C PHE D 112 6.49 -16.27 7.36
N SER D 113 6.34 -14.95 7.37
CA SER D 113 7.49 -14.03 7.40
C SER D 113 8.39 -14.17 8.61
N ILE D 114 7.81 -14.35 9.80
CA ILE D 114 8.64 -14.44 10.97
C ILE D 114 9.47 -15.72 10.96
N GLU D 115 8.93 -16.82 10.47
CA GLU D 115 9.71 -18.06 10.28
C GLU D 115 10.85 -17.86 9.28
N CYS D 116 10.61 -17.11 8.21
CA CYS D 116 11.65 -16.86 7.20
C CYS D 116 12.78 -16.07 7.84
N VAL D 117 12.41 -15.01 8.58
CA VAL D 117 13.40 -14.16 9.28
C VAL D 117 14.15 -14.94 10.31
N LEU D 118 13.46 -15.71 11.15
CA LEU D 118 14.14 -16.43 12.21
C LEU D 118 15.14 -17.44 11.58
N TYR D 119 14.69 -18.11 10.53
CA TYR D 119 15.52 -19.11 9.86
C TYR D 119 16.74 -18.51 9.20
N LEU D 120 16.57 -17.46 8.39
CA LEU D 120 17.71 -16.82 7.69
C LEU D 120 18.65 -16.15 8.69
N TRP D 121 18.10 -15.56 9.77
CA TRP D 121 18.97 -14.96 10.78
C TRP D 121 19.79 -16.05 11.50
N ALA D 122 19.18 -17.17 11.81
CA ALA D 122 19.92 -18.32 12.38
C ALA D 122 21.04 -18.79 11.44
N LEU D 123 20.76 -18.87 10.14
CA LEU D 123 21.77 -19.21 9.14
C LEU D 123 22.91 -18.19 9.07
N LYS D 124 22.58 -16.90 9.18
CA LYS D 124 23.60 -15.84 9.23
C LYS D 124 24.53 -16.03 10.41
N ILE D 125 23.94 -16.33 11.56
CA ILE D 125 24.74 -16.58 12.74
C ILE D 125 25.68 -17.80 12.57
N LEU D 126 25.14 -18.85 11.97
CA LEU D 126 25.90 -20.07 11.73
C LEU D 126 26.96 -19.92 10.61
N TYR D 127 26.62 -19.16 9.56
CA TYR D 127 27.50 -19.01 8.40
C TYR D 127 27.75 -17.57 8.08
N PRO D 128 28.35 -16.81 9.03
CA PRO D 128 28.51 -15.36 8.88
C PRO D 128 29.27 -14.92 7.62
N LYS D 129 30.14 -15.78 7.11
CA LYS D 129 30.99 -15.37 6.00
C LYS D 129 30.55 -16.01 4.69
N THR D 130 29.50 -16.83 4.71
CA THR D 130 29.08 -17.50 3.46
C THR D 130 27.59 -17.29 3.08
N LEU D 131 26.78 -16.81 4.00
CA LEU D 131 25.40 -16.44 3.68
C LEU D 131 25.23 -14.92 3.88
N PHE D 132 24.77 -14.25 2.82
CA PHE D 132 24.63 -12.79 2.78
C PHE D 132 23.19 -12.37 2.51
N LEU D 133 22.80 -11.31 3.19
CA LEU D 133 21.42 -10.79 3.16
C LEU D 133 21.51 -9.32 2.87
N LEU D 134 20.82 -8.87 1.82
CA LEU D 134 20.60 -7.44 1.60
C LEU D 134 19.24 -6.94 2.08
N ARG D 135 19.10 -5.61 2.10
CA ARG D 135 17.84 -4.97 2.45
C ARG D 135 16.94 -4.84 1.23
N GLY D 136 15.67 -5.21 1.38
CA GLY D 136 14.64 -4.97 0.36
C GLY D 136 13.75 -3.81 0.81
N ASN D 137 12.88 -3.31 -0.06
CA ASN D 137 12.00 -2.17 0.33
C ASN D 137 11.02 -2.49 1.43
N HIS D 138 10.68 -3.78 1.58
CA HIS D 138 9.81 -4.24 2.67
C HIS D 138 10.43 -4.33 4.03
N GLU D 139 11.76 -4.30 4.12
CA GLU D 139 12.43 -4.50 5.43
C GLU D 139 12.48 -3.12 6.10
N CYS D 140 11.32 -2.55 6.32
CA CYS D 140 11.27 -1.29 7.03
C CYS D 140 9.96 -1.18 7.84
N ARG D 141 9.87 -0.15 8.68
CA ARG D 141 8.68 0.11 9.53
C ARG D 141 7.46 0.50 8.73
N HIS D 142 7.61 1.45 7.80
CA HIS D 142 6.47 1.98 7.12
C HIS D 142 5.67 0.88 6.33
N LEU D 143 6.41 0.02 5.62
CA LEU D 143 5.72 -1.03 4.88
C LEU D 143 5.18 -2.18 5.76
N THR D 144 5.95 -2.63 6.74
CA THR D 144 5.52 -3.77 7.55
C THR D 144 4.32 -3.37 8.43
N GLU D 145 4.16 -2.08 8.71
CA GLU D 145 2.95 -1.66 9.45
C GLU D 145 1.68 -1.66 8.56
N TYR D 146 1.83 -1.30 7.28
CA TYR D 146 0.70 -1.31 6.31
C TYR D 146 0.36 -2.73 5.83
N PHE D 147 1.36 -3.55 5.54
CA PHE D 147 1.10 -4.91 5.12
C PHE D 147 0.96 -5.82 6.34
N THR D 148 1.50 -7.02 6.32
CA THR D 148 1.11 -7.95 7.37
C THR D 148 2.14 -8.21 8.47
N PHE D 149 3.39 -7.88 8.25
CA PHE D 149 4.43 -8.36 9.17
C PHE D 149 4.23 -7.87 10.61
N LYS D 150 3.84 -6.61 10.80
CA LYS D 150 3.67 -6.14 12.19
C LYS D 150 2.64 -6.98 12.93
N GLN D 151 1.50 -7.22 12.30
CA GLN D 151 0.42 -7.99 12.93
C GLN D 151 0.86 -9.45 13.14
N GLU D 152 1.59 -9.96 12.18
CA GLU D 152 2.11 -11.31 12.31
C GLU D 152 2.93 -11.49 13.59
N CYS D 153 3.86 -10.55 13.87
CA CYS D 153 4.65 -10.55 15.11
C CYS D 153 3.79 -10.36 16.33
N LYS D 154 2.88 -9.42 16.29
CA LYS D 154 1.98 -9.22 17.45
C LYS D 154 1.18 -10.44 17.80
N ILE D 155 0.67 -11.15 16.79
CA ILE D 155 -0.13 -12.34 17.05
C ILE D 155 0.72 -13.58 17.41
N LYS D 156 1.79 -13.89 16.64
CA LYS D 156 2.57 -15.08 16.96
C LYS D 156 3.52 -14.90 18.12
N TYR D 157 4.06 -13.69 18.30
CA TYR D 157 5.09 -13.42 19.29
C TYR D 157 4.66 -12.21 20.05
N SER D 158 5.31 -11.07 19.86
CA SER D 158 4.90 -9.87 20.52
C SER D 158 5.49 -8.69 19.76
N GLU D 159 5.05 -7.48 20.12
CA GLU D 159 5.61 -6.25 19.55
C GLU D 159 7.08 -6.05 19.78
N ARG D 160 7.61 -6.62 20.88
CA ARG D 160 9.04 -6.62 21.16
C ARG D 160 9.82 -7.31 20.06
N VAL D 161 9.29 -8.44 19.60
CA VAL D 161 9.87 -9.17 18.47
C VAL D 161 9.83 -8.31 17.24
N TYR D 162 8.69 -7.67 16.95
CA TYR D 162 8.64 -6.74 15.84
C TYR D 162 9.72 -5.66 15.93
N ASP D 163 9.79 -5.01 17.09
CA ASP D 163 10.72 -3.89 17.26
C ASP D 163 12.21 -4.33 17.08
N ALA D 164 12.54 -5.53 17.58
CA ALA D 164 13.86 -6.09 17.38
C ALA D 164 14.10 -6.38 15.91
N CYS D 165 13.09 -6.85 15.17
CA CYS D 165 13.29 -7.00 13.71
C CYS D 165 13.54 -5.64 13.02
N MET D 166 12.79 -4.60 13.42
CA MET D 166 12.98 -3.28 12.83
C MET D 166 14.45 -2.81 13.03
N ASP D 167 14.98 -3.07 14.22
CA ASP D 167 16.38 -2.73 14.50
C ASP D 167 17.29 -3.55 13.63
N ALA D 168 16.99 -4.84 13.49
CA ALA D 168 17.85 -5.72 12.71
C ALA D 168 17.81 -5.33 11.24
N PHE D 169 16.65 -4.92 10.74
CA PHE D 169 16.51 -4.56 9.33
C PHE D 169 17.34 -3.31 8.98
N ASP D 170 17.39 -2.36 9.91
CA ASP D 170 18.28 -1.19 9.75
C ASP D 170 19.75 -1.56 9.49
N CYS D 171 20.18 -2.71 9.97
CA CYS D 171 21.60 -3.16 9.85
C CYS D 171 21.96 -3.80 8.52
N LEU D 172 20.94 -4.25 7.78
CA LEU D 172 21.13 -5.03 6.59
C LEU D 172 21.89 -4.19 5.60
N PRO D 173 22.91 -4.80 4.95
CA PRO D 173 23.57 -4.08 3.84
C PRO D 173 22.65 -3.70 2.69
N LEU D 174 23.11 -2.72 1.91
CA LEU D 174 22.35 -2.25 0.76
C LEU D 174 22.64 -2.90 -0.60
N ALA D 175 23.85 -3.40 -0.81
CA ALA D 175 24.28 -3.82 -2.12
C ALA D 175 25.41 -4.80 -1.96
N ALA D 176 25.70 -5.55 -3.03
CA ALA D 176 26.88 -6.40 -3.04
C ALA D 176 27.57 -6.24 -4.36
N LEU D 177 28.88 -6.35 -4.34
CA LEU D 177 29.68 -6.38 -5.57
C LEU D 177 30.07 -7.83 -5.68
N MET D 178 29.55 -8.52 -6.68
CA MET D 178 29.78 -9.98 -6.76
C MET D 178 30.82 -10.33 -7.82
N ASN D 179 31.82 -11.10 -7.39
CA ASN D 179 32.96 -11.48 -8.22
C ASN D 179 33.60 -10.31 -8.93
N GLN D 180 33.61 -9.13 -8.29
CA GLN D 180 34.07 -7.91 -8.94
C GLN D 180 33.43 -7.63 -10.31
N GLN D 181 32.32 -8.30 -10.64
CA GLN D 181 31.64 -8.11 -11.93
C GLN D 181 30.20 -7.59 -11.91
N PHE D 182 29.43 -7.93 -10.87
CA PHE D 182 28.01 -7.60 -10.88
C PHE D 182 27.70 -6.73 -9.70
N LEU D 183 26.88 -5.70 -9.92
CA LEU D 183 26.28 -4.98 -8.78
C LEU D 183 24.94 -5.63 -8.47
N CYS D 184 24.73 -5.97 -7.20
CA CYS D 184 23.54 -6.72 -6.77
C CYS D 184 22.81 -5.84 -5.75
N VAL D 185 21.56 -5.49 -6.07
CA VAL D 185 20.70 -4.64 -5.24
C VAL D 185 19.22 -5.12 -5.29
N HIS D 186 18.38 -4.70 -4.31
CA HIS D 186 17.01 -5.08 -4.41
C HIS D 186 16.37 -4.47 -5.63
N GLY D 187 16.48 -3.15 -5.78
CA GLY D 187 15.70 -2.48 -6.79
C GLY D 187 16.53 -1.99 -7.96
N GLY D 188 17.49 -1.10 -7.72
CA GLY D 188 18.28 -0.65 -8.83
C GLY D 188 19.14 0.58 -8.59
N LEU D 189 19.20 1.41 -9.60
CA LEU D 189 20.19 2.49 -9.64
C LEU D 189 19.53 3.80 -9.28
N SER D 190 20.37 4.80 -9.09
CA SER D 190 19.93 6.10 -8.65
C SER D 190 20.67 7.12 -9.45
N PRO D 191 20.03 8.25 -9.79
CA PRO D 191 20.76 9.27 -10.53
C PRO D 191 21.89 9.85 -9.65
N GLU D 192 21.80 9.65 -8.33
CA GLU D 192 22.84 10.11 -7.38
C GLU D 192 23.90 9.05 -7.03
N ILE D 193 23.96 7.96 -7.76
CA ILE D 193 24.99 6.94 -7.54
C ILE D 193 25.73 6.74 -8.85
N ASN D 194 26.90 7.37 -8.96
CA ASN D 194 27.66 7.32 -10.22
C ASN D 194 28.76 6.26 -10.17
N THR D 195 29.19 5.95 -8.95
CA THR D 195 30.26 5.00 -8.69
C THR D 195 29.89 4.16 -7.50
N LEU D 196 30.57 3.03 -7.36
CA LEU D 196 30.42 2.15 -6.22
C LEU D 196 30.71 2.88 -4.91
N ASP D 197 31.69 3.77 -4.98
CA ASP D 197 32.00 4.62 -3.86
C ASP D 197 30.82 5.44 -3.31
N ASP D 198 29.87 5.77 -4.17
CA ASP D 198 28.71 6.56 -3.69
C ASP D 198 27.77 5.73 -2.80
N ILE D 199 27.89 4.41 -2.87
CA ILE D 199 27.15 3.52 -1.99
C ILE D 199 27.83 3.45 -0.65
N ARG D 200 29.14 3.32 -0.69
CA ARG D 200 29.97 3.28 0.49
C ARG D 200 29.76 4.44 1.45
N LYS D 201 29.38 5.61 0.94
CA LYS D 201 29.35 6.83 1.74
C LYS D 201 28.04 7.02 2.45
N LEU D 202 27.04 6.19 2.14
CA LEU D 202 25.71 6.31 2.72
C LEU D 202 25.70 5.91 4.17
N ASP D 203 24.76 6.47 4.93
CA ASP D 203 24.52 5.97 6.29
C ASP D 203 23.25 5.13 6.23
N ARG D 204 23.38 3.80 6.38
CA ARG D 204 22.25 2.88 6.08
C ARG D 204 21.43 2.59 7.34
N PHE D 205 21.97 2.99 8.48
CA PHE D 205 21.42 2.58 9.76
C PHE D 205 20.22 3.42 10.16
N LYS D 206 19.12 3.22 9.46
CA LYS D 206 17.93 4.01 9.69
C LYS D 206 16.80 3.46 8.81
N GLU D 207 15.60 3.92 9.10
CA GLU D 207 14.42 3.77 8.25
C GLU D 207 14.72 4.37 6.90
N PRO D 208 14.43 3.67 5.82
CA PRO D 208 14.73 4.27 4.51
C PRO D 208 13.94 5.58 4.26
N PRO D 209 14.57 6.59 3.69
CA PRO D 209 13.96 7.91 3.53
C PRO D 209 13.02 7.85 2.34
N ALA D 210 12.22 8.89 2.10
CA ALA D 210 11.21 8.84 1.03
C ALA D 210 11.82 9.25 -0.33
N TYR D 211 13.08 9.69 -0.30
CA TYR D 211 13.80 10.05 -1.52
C TYR D 211 15.29 9.96 -1.29
N GLY D 212 16.08 9.96 -2.36
CA GLY D 212 17.52 9.89 -2.20
C GLY D 212 18.07 8.54 -2.57
N PRO D 213 19.40 8.42 -2.52
CA PRO D 213 20.12 7.26 -3.07
C PRO D 213 19.73 5.96 -2.39
N MET D 214 19.56 6.00 -1.06
CA MET D 214 19.16 4.79 -0.34
C MET D 214 17.76 4.32 -0.71
N CYS D 215 16.82 5.26 -0.75
CA CYS D 215 15.49 4.99 -1.31
C CYS D 215 15.58 4.35 -2.71
N ASP D 216 16.32 4.97 -3.62
CA ASP D 216 16.39 4.46 -4.99
C ASP D 216 17.00 3.07 -5.10
N ILE D 217 18.02 2.80 -4.32
CA ILE D 217 18.60 1.43 -4.29
C ILE D 217 17.52 0.36 -3.97
N LEU D 218 16.65 0.66 -3.01
CA LEU D 218 15.62 -0.27 -2.61
C LEU D 218 14.38 -0.26 -3.50
N TRP D 219 14.12 0.83 -4.24
CA TRP D 219 12.80 0.99 -4.84
C TRP D 219 12.71 1.06 -6.38
N SER D 220 13.81 1.31 -7.06
CA SER D 220 13.72 1.72 -8.48
C SER D 220 13.53 0.52 -9.34
N ASP D 221 13.08 0.75 -10.57
CA ASP D 221 12.70 -0.33 -11.50
C ASP D 221 13.21 0.07 -12.90
N PRO D 222 13.49 -0.90 -13.78
CA PRO D 222 13.69 -0.61 -15.20
C PRO D 222 12.39 -0.08 -15.79
N LEU D 223 12.49 0.78 -16.81
CA LEU D 223 11.35 1.23 -17.54
C LEU D 223 10.61 0.00 -18.09
N GLU D 224 9.32 0.18 -18.23
CA GLU D 224 8.44 -0.81 -18.81
C GLU D 224 8.95 -1.28 -20.17
N ASP D 225 9.40 -0.34 -21.01
CA ASP D 225 10.01 -0.67 -22.33
C ASP D 225 11.54 -0.76 -22.36
N PHE D 226 12.16 -0.97 -21.22
CA PHE D 226 13.61 -1.04 -21.09
C PHE D 226 14.24 -1.71 -22.30
N GLY D 227 15.23 -1.02 -22.89
CA GLY D 227 15.95 -1.50 -24.06
C GLY D 227 15.43 -1.03 -25.41
N ASN D 228 14.18 -0.63 -25.49
CA ASN D 228 13.48 -0.35 -26.73
C ASN D 228 12.90 1.00 -26.46
N GLU D 229 13.75 1.90 -25.98
CA GLU D 229 13.20 3.14 -25.54
C GLU D 229 13.35 4.34 -26.43
N LYS D 230 12.22 4.98 -26.49
CA LYS D 230 12.09 6.25 -27.12
C LYS D 230 12.31 7.26 -25.98
N THR D 231 12.32 6.83 -24.70
CA THR D 231 12.54 7.80 -23.60
C THR D 231 14.00 8.14 -23.38
N GLN D 232 14.27 9.39 -23.72
CA GLN D 232 15.59 10.01 -23.65
C GLN D 232 16.10 10.27 -22.22
N GLU D 233 15.21 10.39 -21.23
CA GLU D 233 15.64 10.65 -19.85
C GLU D 233 16.18 9.37 -19.19
N HIS D 234 17.34 9.45 -18.57
CA HIS D 234 17.93 8.27 -17.91
C HIS D 234 17.09 7.78 -16.71
N PHE D 235 16.62 8.70 -15.88
CA PHE D 235 15.83 8.38 -14.69
C PHE D 235 14.56 9.19 -14.74
N THR D 236 13.40 8.52 -14.85
CA THR D 236 12.10 9.22 -14.80
C THR D 236 11.32 8.88 -13.51
N HIS D 237 10.50 9.78 -13.02
CA HIS D 237 9.82 9.40 -11.80
C HIS D 237 8.91 8.16 -11.86
N ASN D 238 9.05 7.32 -10.83
CA ASN D 238 8.39 6.00 -10.80
C ASN D 238 7.02 6.18 -10.19
N THR D 239 6.03 6.43 -11.05
CA THR D 239 4.65 6.70 -10.63
C THR D 239 3.95 5.41 -10.20
N VAL D 240 4.49 4.25 -10.57
CA VAL D 240 3.98 2.99 -10.03
C VAL D 240 4.25 2.81 -8.54
N ARG D 241 5.51 2.97 -8.12
CA ARG D 241 5.89 2.91 -6.72
C ARG D 241 5.52 4.13 -5.89
N GLY D 242 5.46 5.29 -6.52
CA GLY D 242 5.15 6.55 -5.85
C GLY D 242 6.37 7.20 -5.20
N CYS D 243 7.57 6.71 -5.51
CA CYS D 243 8.83 7.25 -5.01
C CYS D 243 9.87 6.70 -5.96
N SER D 244 11.01 7.35 -5.99
CA SER D 244 12.15 6.88 -6.75
C SER D 244 11.89 6.90 -8.28
N TYR D 245 12.54 6.02 -9.03
CA TYR D 245 12.71 6.20 -10.49
C TYR D 245 12.47 4.93 -11.26
N PHE D 246 12.19 5.07 -12.56
CA PHE D 246 12.46 4.08 -13.60
C PHE D 246 13.73 4.46 -14.26
N TYR D 247 14.62 3.51 -14.49
CA TYR D 247 15.88 3.72 -15.18
C TYR D 247 15.88 3.09 -16.57
N SER D 248 16.57 3.75 -17.52
CA SER D 248 16.54 3.30 -18.89
C SER D 248 17.74 2.45 -19.17
N TYR D 249 17.74 1.84 -20.35
CA TYR D 249 18.89 1.02 -20.80
C TYR D 249 20.15 1.87 -20.98
N PRO D 250 20.05 3.08 -21.60
CA PRO D 250 21.29 3.89 -21.58
C PRO D 250 21.82 4.21 -20.18
N ALA D 251 20.96 4.49 -19.19
CA ALA D 251 21.39 4.76 -17.83
C ALA D 251 22.17 3.61 -17.27
N VAL D 252 21.68 2.40 -17.48
CA VAL D 252 22.34 1.20 -16.97
C VAL D 252 23.70 1.03 -17.67
N CYS D 253 23.69 1.15 -18.99
CA CYS D 253 24.93 0.96 -19.78
C CYS D 253 26.01 1.94 -19.36
N GLU D 254 25.61 3.18 -19.14
CA GLU D 254 26.59 4.22 -18.74
C GLU D 254 27.22 3.89 -17.38
N PHE D 255 26.39 3.49 -16.43
CA PHE D 255 26.89 3.11 -15.11
C PHE D 255 27.82 1.89 -15.16
N LEU D 256 27.46 0.88 -15.94
CA LEU D 256 28.26 -0.32 -16.03
C LEU D 256 29.59 -0.03 -16.71
N GLN D 257 29.53 0.71 -17.81
CA GLN D 257 30.75 0.98 -18.56
C GLN D 257 31.71 1.84 -17.69
N HIS D 258 31.18 2.82 -16.95
CA HIS D 258 31.96 3.73 -16.08
C HIS D 258 32.60 3.04 -14.86
N ASN D 259 31.99 1.96 -14.42
CA ASN D 259 32.46 1.25 -13.21
C ASN D 259 33.08 -0.08 -13.57
N ASN D 260 33.20 -0.35 -14.87
CA ASN D 260 33.79 -1.62 -15.35
C ASN D 260 33.04 -2.85 -14.87
N LEU D 261 31.71 -2.83 -14.97
CA LEU D 261 30.91 -3.94 -14.48
C LEU D 261 30.25 -4.65 -15.63
N LEU D 262 29.81 -5.89 -15.40
CA LEU D 262 29.16 -6.66 -16.44
C LEU D 262 27.64 -6.48 -16.46
N SER D 263 26.99 -6.42 -15.29
CA SER D 263 25.52 -6.50 -15.22
C SER D 263 25.03 -6.01 -13.84
N ILE D 264 23.77 -5.59 -13.75
CA ILE D 264 23.11 -5.34 -12.48
C ILE D 264 22.20 -6.54 -12.20
N LEU D 265 22.38 -7.22 -11.06
CA LEU D 265 21.42 -8.27 -10.64
C LEU D 265 20.51 -7.66 -9.57
N ARG D 266 19.21 -7.76 -9.79
CA ARG D 266 18.23 -7.13 -8.90
C ARG D 266 16.98 -8.01 -8.78
N ALA D 267 16.02 -7.66 -7.92
CA ALA D 267 14.83 -8.49 -7.78
C ALA D 267 13.61 -7.58 -7.85
N HIS D 268 12.68 -7.60 -6.90
CA HIS D 268 11.73 -6.45 -6.74
C HIS D 268 10.50 -6.44 -7.67
N GLU D 269 10.57 -7.12 -8.83
CA GLU D 269 9.40 -7.24 -9.72
C GLU D 269 9.15 -8.73 -10.00
N ALA D 270 7.92 -9.20 -9.73
CA ALA D 270 7.59 -10.65 -9.98
C ALA D 270 7.73 -11.01 -11.45
N GLN D 271 8.13 -12.26 -11.75
CA GLN D 271 8.37 -12.68 -13.13
C GLN D 271 7.77 -14.07 -13.27
N ASP D 272 7.01 -14.29 -14.34
CA ASP D 272 6.34 -15.56 -14.53
C ASP D 272 7.29 -16.75 -14.59
N ALA D 273 8.48 -16.54 -15.17
CA ALA D 273 9.53 -17.54 -15.27
C ALA D 273 10.49 -17.56 -14.08
N GLY D 274 10.35 -16.61 -13.15
CA GLY D 274 11.25 -16.52 -11.99
C GLY D 274 12.46 -15.66 -12.21
N TYR D 275 12.68 -15.23 -13.44
CA TYR D 275 13.85 -14.39 -13.75
C TYR D 275 13.51 -13.69 -15.09
N ARG D 276 14.22 -12.61 -15.40
CA ARG D 276 14.10 -11.99 -16.71
C ARG D 276 15.48 -11.50 -17.04
N MET D 277 15.94 -11.77 -18.27
CA MET D 277 17.18 -11.14 -18.74
C MET D 277 16.89 -10.04 -19.73
N TYR D 278 17.50 -8.86 -19.55
CA TYR D 278 17.13 -7.70 -20.35
C TYR D 278 18.15 -7.50 -21.45
N ARG D 279 17.98 -6.48 -22.27
CA ARG D 279 18.82 -6.26 -23.46
C ARG D 279 20.30 -6.36 -23.18
N LYS D 280 21.04 -7.04 -24.06
CA LYS D 280 22.52 -7.12 -23.93
C LYS D 280 23.16 -5.75 -23.95
N SER D 281 24.19 -5.58 -23.14
CA SER D 281 24.97 -4.36 -23.12
C SER D 281 25.84 -4.20 -24.35
N GLN D 282 26.18 -2.93 -24.63
CA GLN D 282 27.06 -2.54 -25.74
C GLN D 282 28.53 -2.85 -25.49
N THR D 283 29.04 -2.45 -24.33
CA THR D 283 30.43 -2.70 -24.01
C THR D 283 30.78 -4.19 -23.99
N THR D 284 29.85 -5.05 -23.54
CA THR D 284 30.18 -6.47 -23.30
C THR D 284 29.33 -7.55 -24.02
N GLY D 285 28.14 -7.18 -24.51
CA GLY D 285 27.25 -8.16 -25.15
C GLY D 285 26.54 -9.10 -24.18
N PHE D 286 26.74 -8.86 -22.88
CA PHE D 286 26.08 -9.63 -21.80
C PHE D 286 24.80 -8.86 -21.34
N PRO D 287 23.73 -9.58 -20.91
CA PRO D 287 22.52 -8.82 -20.48
C PRO D 287 22.86 -7.68 -19.51
N SER D 288 22.38 -6.48 -19.79
CA SER D 288 22.69 -5.33 -18.93
C SER D 288 22.08 -5.37 -17.52
N LEU D 289 20.96 -6.08 -17.44
CA LEU D 289 20.18 -6.21 -16.19
C LEU D 289 19.61 -7.60 -16.14
N ILE D 290 19.52 -8.16 -14.93
CA ILE D 290 18.82 -9.40 -14.72
C ILE D 290 17.93 -9.23 -13.50
N THR D 291 16.67 -9.64 -13.64
CA THR D 291 15.75 -9.67 -12.48
C THR D 291 15.63 -11.14 -12.03
N ILE D 292 15.80 -11.41 -10.73
CA ILE D 292 15.62 -12.73 -10.18
C ILE D 292 14.49 -12.70 -9.14
N PHE D 293 13.57 -13.67 -9.18
CA PHE D 293 12.41 -13.62 -8.29
C PHE D 293 12.15 -15.01 -7.73
N SER D 294 12.20 -15.15 -6.38
CA SER D 294 12.30 -16.47 -5.77
C SER D 294 11.08 -16.96 -5.00
N ALA D 295 9.90 -16.35 -5.26
CA ALA D 295 8.69 -16.71 -4.59
C ALA D 295 7.74 -17.34 -5.62
N PRO D 296 7.66 -18.69 -5.64
CA PRO D 296 6.84 -19.35 -6.68
C PRO D 296 5.38 -19.26 -6.33
N ASN D 297 4.51 -19.32 -7.35
CA ASN D 297 3.04 -19.09 -7.16
C ASN D 297 2.76 -17.94 -6.17
N TYR D 298 3.37 -16.82 -6.47
CA TYR D 298 3.31 -15.64 -5.61
C TYR D 298 1.87 -15.27 -5.23
N LEU D 299 1.64 -14.97 -3.95
CA LEU D 299 0.32 -14.59 -3.43
C LEU D 299 -0.73 -15.71 -3.62
N ASP D 300 -0.26 -16.93 -3.76
CA ASP D 300 -1.08 -18.10 -3.98
C ASP D 300 -1.92 -18.03 -5.27
N VAL D 301 -1.69 -17.03 -6.15
CA VAL D 301 -2.52 -16.98 -7.40
C VAL D 301 -1.71 -16.78 -8.71
N TYR D 302 -0.52 -16.21 -8.66
CA TYR D 302 0.15 -15.87 -9.94
C TYR D 302 0.65 -17.05 -10.73
N ASN D 303 0.83 -18.17 -10.06
CA ASN D 303 1.24 -19.36 -10.74
C ASN D 303 2.57 -19.32 -11.45
N ASN D 304 3.44 -18.42 -11.01
CA ASN D 304 4.75 -18.25 -11.61
C ASN D 304 5.71 -19.28 -11.05
N LYS D 305 6.77 -19.57 -11.81
CA LYS D 305 7.91 -20.27 -11.28
C LYS D 305 8.76 -19.29 -10.49
N ALA D 306 9.62 -19.80 -9.64
CA ALA D 306 10.60 -19.00 -8.95
C ALA D 306 11.91 -19.45 -9.54
N ALA D 307 12.95 -18.71 -9.28
CA ALA D 307 14.26 -19.06 -9.72
C ALA D 307 15.36 -18.53 -8.77
N VAL D 308 16.48 -19.24 -8.75
CA VAL D 308 17.74 -18.70 -8.19
C VAL D 308 18.82 -18.69 -9.32
N LEU D 309 19.88 -17.95 -9.08
CA LEU D 309 20.89 -17.75 -10.11
C LEU D 309 22.15 -18.35 -9.48
N LYS D 310 22.66 -19.45 -10.03
CA LYS D 310 23.97 -19.99 -9.60
C LYS D 310 25.07 -19.46 -10.52
N TYR D 311 26.07 -18.80 -9.92
CA TYR D 311 27.12 -18.21 -10.70
C TYR D 311 28.47 -18.78 -10.26
N GLU D 312 29.22 -19.24 -11.24
CA GLU D 312 30.56 -19.69 -11.04
C GLU D 312 31.35 -18.81 -12.01
N ASN D 313 32.61 -18.55 -11.76
CA ASN D 313 33.31 -17.61 -12.66
C ASN D 313 32.97 -17.78 -14.16
N ASN D 314 32.21 -16.81 -14.64
CA ASN D 314 31.82 -16.75 -16.02
C ASN D 314 30.76 -17.79 -16.51
N VAL D 315 30.16 -18.57 -15.62
CA VAL D 315 29.03 -19.44 -16.00
C VAL D 315 27.83 -19.14 -15.08
N MET D 316 26.74 -18.63 -15.66
CA MET D 316 25.51 -18.39 -14.91
C MET D 316 24.49 -19.52 -15.22
N ASN D 317 23.94 -20.17 -14.19
CA ASN D 317 22.94 -21.24 -14.38
C ASN D 317 21.72 -20.86 -13.59
N ILE D 318 20.62 -20.63 -14.30
CA ILE D 318 19.37 -20.21 -13.67
C ILE D 318 18.57 -21.48 -13.39
N ARG D 319 18.23 -21.72 -12.12
CA ARG D 319 17.48 -22.91 -11.74
C ARG D 319 16.07 -22.53 -11.27
N GLN D 320 15.06 -22.99 -11.99
CA GLN D 320 13.64 -22.73 -11.64
C GLN D 320 13.05 -23.77 -10.69
N PHE D 321 12.08 -23.35 -9.89
CA PHE D 321 11.36 -24.30 -9.06
C PHE D 321 9.88 -23.87 -8.91
N ASN D 322 9.05 -24.82 -8.53
CA ASN D 322 7.60 -24.63 -8.40
C ASN D 322 7.21 -24.54 -6.94
N CYS D 323 5.97 -24.15 -6.65
CA CYS D 323 5.56 -23.95 -5.24
C CYS D 323 5.35 -25.28 -4.46
N SER D 324 5.27 -25.18 -3.13
CA SER D 324 5.07 -26.33 -2.28
C SER D 324 3.85 -26.00 -1.39
N PRO D 325 3.20 -27.03 -0.78
CA PRO D 325 2.03 -26.76 0.06
C PRO D 325 2.37 -26.02 1.34
N HIS D 326 1.42 -25.23 1.83
CA HIS D 326 1.63 -24.56 3.10
C HIS D 326 0.32 -24.56 3.85
N PRO D 327 0.40 -24.44 5.17
CA PRO D 327 -0.81 -24.42 5.96
C PRO D 327 -1.64 -23.14 5.73
N TYR D 328 -2.92 -23.17 6.10
CA TYR D 328 -3.87 -22.07 5.90
C TYR D 328 -3.92 -21.11 7.10
N TRP D 329 -4.05 -19.81 6.82
CA TRP D 329 -4.24 -18.76 7.83
C TRP D 329 -5.36 -17.85 7.36
N LEU D 330 -6.21 -17.38 8.28
CA LEU D 330 -7.22 -16.38 7.93
C LEU D 330 -6.51 -15.06 7.70
N PRO D 331 -7.13 -14.14 6.96
CA PRO D 331 -6.45 -12.85 6.79
C PRO D 331 -6.13 -12.16 8.11
N ASN D 332 -5.08 -11.36 8.10
CA ASN D 332 -4.61 -10.62 9.28
C ASN D 332 -4.44 -11.50 10.51
N PHE D 333 -4.09 -12.77 10.31
CA PHE D 333 -3.81 -13.68 11.46
C PHE D 333 -4.98 -13.78 12.47
N MET D 334 -6.20 -13.61 11.96
CA MET D 334 -7.40 -13.64 12.82
C MET D 334 -7.61 -15.07 13.32
N ASP D 335 -8.09 -15.24 14.54
CA ASP D 335 -8.46 -16.55 15.00
C ASP D 335 -9.94 -16.78 14.68
N VAL D 336 -10.45 -18.01 14.81
CA VAL D 336 -11.80 -18.26 14.31
C VAL D 336 -12.93 -17.63 15.14
N PHE D 337 -12.66 -17.36 16.41
CA PHE D 337 -13.61 -16.61 17.27
C PHE D 337 -13.71 -15.12 16.85
N THR D 338 -12.57 -14.46 16.71
CA THR D 338 -12.55 -13.07 16.19
C THR D 338 -13.28 -13.01 14.86
N TRP D 339 -13.07 -14.02 14.03
CA TRP D 339 -13.60 -14.02 12.69
C TRP D 339 -15.12 -14.19 12.66
N SER D 340 -15.63 -15.10 13.51
CA SER D 340 -17.03 -15.60 13.41
C SER D 340 -18.00 -14.95 14.39
N LEU D 341 -17.49 -14.54 15.54
CA LEU D 341 -18.35 -14.04 16.60
C LEU D 341 -19.21 -12.81 16.21
N PRO D 342 -18.63 -11.85 15.46
CA PRO D 342 -19.51 -10.75 14.97
C PRO D 342 -20.70 -11.26 14.18
N PHE D 343 -20.46 -12.24 13.30
CA PHE D 343 -21.51 -12.83 12.47
C PHE D 343 -22.49 -13.61 13.34
N VAL D 344 -21.95 -14.33 14.33
CA VAL D 344 -22.76 -15.10 15.27
C VAL D 344 -23.70 -14.13 15.96
N GLY D 345 -23.11 -13.11 16.60
CA GLY D 345 -23.84 -12.14 17.38
C GLY D 345 -24.98 -11.52 16.60
N GLU D 346 -24.77 -11.23 15.32
CA GLU D 346 -25.81 -10.56 14.59
C GLU D 346 -26.83 -11.52 14.04
N LYS D 347 -26.41 -12.74 13.71
CA LYS D 347 -27.35 -13.75 13.21
C LYS D 347 -28.31 -14.24 14.30
N VAL D 348 -27.82 -14.38 15.54
CA VAL D 348 -28.71 -14.78 16.63
C VAL D 348 -29.67 -13.64 16.89
N THR D 349 -29.14 -12.43 17.06
CA THR D 349 -29.93 -11.21 17.24
C THR D 349 -31.02 -11.03 16.17
N GLU D 350 -30.70 -11.37 14.93
CA GLU D 350 -31.66 -11.24 13.83
C GLU D 350 -32.75 -12.33 13.85
N MET D 351 -32.39 -13.56 14.19
CA MET D 351 -33.41 -14.56 14.46
C MET D 351 -34.45 -14.00 15.45
N LEU D 352 -33.97 -13.47 16.58
CA LEU D 352 -34.81 -13.00 17.68
C LEU D 352 -35.67 -11.82 17.30
N VAL D 353 -35.12 -10.89 16.52
CA VAL D 353 -35.91 -9.76 16.03
C VAL D 353 -37.07 -10.29 15.17
N ASN D 354 -36.78 -11.23 14.29
CA ASN D 354 -37.82 -11.86 13.50
C ASN D 354 -38.85 -12.63 14.30
N VAL D 355 -38.39 -13.41 15.27
CA VAL D 355 -39.28 -14.17 16.14
C VAL D 355 -40.22 -13.25 16.90
N LEU D 356 -39.72 -12.12 17.35
CA LEU D 356 -40.51 -11.18 18.13
C LEU D 356 -41.36 -10.19 17.30
N ASN D 357 -41.15 -10.15 15.99
CA ASN D 357 -41.99 -9.30 15.11
C ASN D 357 -42.91 -10.13 14.20
N ASP E 1 -41.16 -8.50 34.29
CA ASP E 1 -42.03 -7.36 33.86
C ASP E 1 -43.33 -7.88 33.25
N ALA E 2 -44.41 -7.11 33.33
CA ALA E 2 -45.74 -7.65 33.04
C ALA E 2 -46.28 -7.33 31.64
N ASP E 3 -46.07 -6.11 31.15
CA ASP E 3 -46.43 -5.77 29.76
C ASP E 3 -45.66 -6.64 28.77
N GLU E 4 -44.42 -6.91 29.13
CA GLU E 4 -43.49 -7.65 28.30
C GLU E 4 -43.93 -9.11 28.13
N ILE E 5 -44.47 -9.69 29.22
CA ILE E 5 -44.93 -11.09 29.24
C ILE E 5 -46.19 -11.29 28.41
N LYS E 6 -47.05 -10.27 28.43
CA LYS E 6 -48.24 -10.21 27.60
C LYS E 6 -47.81 -10.12 26.14
N ARG E 7 -46.86 -9.23 25.86
CA ARG E 7 -46.29 -9.08 24.54
C ARG E 7 -45.65 -10.39 24.08
N LEU E 8 -44.88 -11.03 24.97
CA LEU E 8 -44.20 -12.30 24.65
C LEU E 8 -45.18 -13.46 24.52
N GLY E 9 -46.21 -13.45 25.37
CA GLY E 9 -47.22 -14.49 25.34
C GLY E 9 -47.95 -14.45 24.01
N LYS E 10 -48.23 -13.24 23.53
CA LYS E 10 -48.93 -13.10 22.25
C LYS E 10 -48.09 -13.59 21.07
N ARG E 11 -46.81 -13.18 21.05
CA ARG E 11 -45.84 -13.73 20.09
C ARG E 11 -45.81 -15.26 20.15
N PHE E 12 -45.61 -15.83 21.34
CA PHE E 12 -45.63 -17.28 21.58
C PHE E 12 -46.87 -17.99 21.06
N LYS E 13 -48.05 -17.45 21.34
CA LYS E 13 -49.28 -18.04 20.88
C LYS E 13 -49.30 -18.11 19.36
N LYS E 14 -48.92 -17.00 18.71
CA LYS E 14 -48.86 -16.97 17.26
C LYS E 14 -47.89 -18.00 16.66
N LEU E 15 -46.68 -18.08 17.23
CA LEU E 15 -45.69 -19.06 16.81
C LEU E 15 -46.19 -20.49 16.96
N ASP E 16 -46.92 -20.75 18.05
CA ASP E 16 -47.44 -22.07 18.36
C ASP E 16 -48.63 -22.46 17.47
N LEU E 17 -48.36 -22.65 16.19
CA LEU E 17 -49.38 -22.93 15.16
C LEU E 17 -50.36 -24.03 15.59
N ASP E 18 -49.81 -25.18 15.98
CA ASP E 18 -50.59 -26.35 16.31
C ASP E 18 -51.23 -26.28 17.70
N ASN E 19 -50.90 -25.22 18.44
CA ASN E 19 -51.39 -25.08 19.81
C ASN E 19 -51.03 -26.22 20.75
N SER E 20 -49.79 -26.67 20.71
CA SER E 20 -49.35 -27.74 21.62
C SER E 20 -49.05 -27.23 23.03
N GLY E 21 -48.75 -25.94 23.15
CA GLY E 21 -48.25 -25.36 24.40
C GLY E 21 -46.73 -25.21 24.44
N SER E 22 -46.06 -25.71 23.39
CA SER E 22 -44.63 -25.52 23.26
C SER E 22 -44.31 -25.40 21.80
N LEU E 23 -43.11 -24.90 21.47
CA LEU E 23 -42.69 -24.58 20.09
C LEU E 23 -41.68 -25.57 19.49
N SER E 24 -42.05 -26.19 18.37
CA SER E 24 -41.21 -27.15 17.63
C SER E 24 -40.26 -26.51 16.60
N VAL E 25 -39.27 -27.28 16.13
CA VAL E 25 -38.31 -26.78 15.11
C VAL E 25 -39.04 -26.33 13.84
N GLU E 26 -39.99 -27.16 13.39
CA GLU E 26 -40.88 -26.85 12.26
C GLU E 26 -41.57 -25.50 12.42
N GLU E 27 -42.14 -25.26 13.60
CA GLU E 27 -42.84 -24.01 13.91
C GLU E 27 -41.96 -22.75 13.88
N PHE E 28 -40.69 -22.88 14.28
CA PHE E 28 -39.69 -21.84 13.99
C PHE E 28 -39.36 -21.80 12.51
N MET E 29 -39.26 -22.96 11.88
CA MET E 29 -38.89 -23.03 10.46
C MET E 29 -40.09 -22.78 9.53
N SER E 30 -41.13 -22.13 10.03
CA SER E 30 -42.21 -21.64 9.17
C SER E 30 -41.84 -20.28 8.61
N LEU E 31 -41.20 -19.45 9.45
CA LEU E 31 -40.80 -18.09 9.10
C LEU E 31 -39.71 -18.07 8.01
N PRO E 32 -39.92 -17.31 6.93
CA PRO E 32 -38.99 -17.18 5.79
C PRO E 32 -37.57 -16.74 6.18
N GLU E 33 -37.45 -15.66 6.94
CA GLU E 33 -36.15 -15.10 7.38
C GLU E 33 -35.31 -16.03 8.26
N LEU E 34 -35.81 -17.25 8.50
CA LEU E 34 -35.15 -18.18 9.42
C LEU E 34 -34.63 -19.46 8.78
N GLN E 35 -35.18 -19.87 7.62
CA GLN E 35 -34.59 -21.05 6.95
C GLN E 35 -33.29 -20.74 6.20
N GLN E 36 -33.01 -19.46 5.96
CA GLN E 36 -31.67 -19.03 5.49
C GLN E 36 -30.66 -18.80 6.64
N ASN E 37 -31.14 -18.67 7.87
CA ASN E 37 -30.27 -18.35 9.00
C ASN E 37 -29.58 -19.63 9.51
N PRO E 38 -28.23 -19.72 9.40
CA PRO E 38 -27.58 -21.03 9.68
C PRO E 38 -27.54 -21.46 11.17
N LEU E 39 -27.82 -20.52 12.08
CA LEU E 39 -27.71 -20.76 13.52
C LEU E 39 -29.05 -21.00 14.24
N VAL E 40 -30.16 -21.02 13.49
CA VAL E 40 -31.50 -21.23 14.04
C VAL E 40 -31.58 -22.42 15.00
N GLN E 41 -31.12 -23.58 14.55
CA GLN E 41 -31.13 -24.79 15.37
C GLN E 41 -30.24 -24.70 16.61
N ARG E 42 -29.08 -24.03 16.51
CA ARG E 42 -28.27 -23.81 17.71
C ARG E 42 -29.07 -22.97 18.71
N VAL E 43 -29.75 -21.95 18.22
CA VAL E 43 -30.48 -21.05 19.11
C VAL E 43 -31.60 -21.81 19.83
N ILE E 44 -32.37 -22.57 19.08
CA ILE E 44 -33.48 -23.34 19.68
C ILE E 44 -32.95 -24.37 20.69
N ASP E 45 -31.85 -25.04 20.33
CA ASP E 45 -31.21 -25.95 21.28
C ASP E 45 -30.85 -25.27 22.60
N ILE E 46 -30.30 -24.06 22.49
CA ILE E 46 -29.97 -23.32 23.71
C ILE E 46 -31.21 -22.93 24.54
N PHE E 47 -32.24 -22.35 23.90
CA PHE E 47 -33.53 -22.07 24.62
C PHE E 47 -34.10 -23.32 25.31
N ASP E 48 -34.00 -24.46 24.63
CA ASP E 48 -34.54 -25.72 25.10
C ASP E 48 -33.77 -26.32 26.29
N THR E 49 -33.89 -25.63 27.43
CA THR E 49 -33.35 -25.99 28.76
C THR E 49 -33.48 -27.47 29.13
N ASP E 50 -34.65 -28.05 28.90
CA ASP E 50 -34.89 -29.44 29.35
C ASP E 50 -34.57 -30.54 28.31
N GLY E 51 -33.99 -30.17 27.18
CA GLY E 51 -33.57 -31.15 26.17
C GLY E 51 -34.70 -31.95 25.56
N ASN E 52 -35.94 -31.54 25.84
CA ASN E 52 -37.10 -32.24 25.29
C ASN E 52 -37.30 -31.91 23.82
N GLY E 53 -36.48 -31.02 23.27
CA GLY E 53 -36.53 -30.76 21.83
C GLY E 53 -37.48 -29.64 21.43
N GLU E 54 -38.30 -29.17 22.36
CA GLU E 54 -39.30 -28.14 22.11
C GLU E 54 -39.01 -26.95 23.02
N VAL E 55 -39.51 -25.77 22.67
CA VAL E 55 -39.40 -24.62 23.55
C VAL E 55 -40.77 -24.32 24.14
N ASP E 56 -40.92 -24.49 25.45
CA ASP E 56 -42.15 -24.09 26.14
C ASP E 56 -42.05 -22.63 26.54
N PHE E 57 -43.16 -22.05 26.99
CA PHE E 57 -43.24 -20.63 27.27
C PHE E 57 -42.19 -20.10 28.25
N LYS E 58 -41.91 -20.86 29.32
CA LYS E 58 -40.91 -20.41 30.30
C LYS E 58 -39.48 -20.47 29.71
N GLU E 59 -39.20 -21.48 28.91
CA GLU E 59 -37.95 -21.52 28.17
C GLU E 59 -37.83 -20.29 27.21
N PHE E 60 -38.94 -19.97 26.56
CA PHE E 60 -39.05 -18.84 25.60
C PHE E 60 -38.77 -17.52 26.30
N ILE E 61 -39.42 -17.24 27.43
CA ILE E 61 -39.12 -16.02 28.22
C ILE E 61 -37.69 -15.98 28.76
N GLU E 62 -37.19 -17.08 29.33
CA GLU E 62 -35.84 -17.13 29.84
C GLU E 62 -34.81 -16.91 28.72
N GLY E 63 -35.06 -17.51 27.57
CA GLY E 63 -34.15 -17.37 26.41
C GLY E 63 -34.12 -15.92 25.96
N VAL E 64 -35.30 -15.32 25.79
CA VAL E 64 -35.42 -13.94 25.29
C VAL E 64 -34.81 -12.90 26.23
N SER E 65 -34.95 -13.15 27.53
CA SER E 65 -34.31 -12.35 28.58
C SER E 65 -32.80 -12.11 28.45
N GLN E 66 -32.05 -13.11 27.97
CA GLN E 66 -30.59 -12.99 27.82
C GLN E 66 -30.19 -11.80 26.93
N PHE E 67 -31.14 -11.33 26.12
CA PHE E 67 -30.92 -10.27 25.13
C PHE E 67 -31.47 -8.89 25.54
N SER E 68 -31.67 -8.72 26.83
CA SER E 68 -32.25 -7.50 27.37
C SER E 68 -31.24 -6.36 27.37
N VAL E 69 -31.77 -5.16 27.20
CA VAL E 69 -30.98 -3.93 27.35
C VAL E 69 -30.18 -3.94 28.67
N LYS E 70 -30.77 -4.52 29.71
CA LYS E 70 -30.20 -4.48 31.06
C LYS E 70 -29.04 -5.46 31.20
N GLY E 71 -29.17 -6.64 30.57
CA GLY E 71 -28.19 -7.72 30.76
C GLY E 71 -26.73 -7.32 30.61
N ASP E 72 -25.88 -7.87 31.46
CA ASP E 72 -24.45 -7.54 31.41
C ASP E 72 -23.65 -8.31 30.34
N LYS E 73 -22.43 -7.82 30.13
CA LYS E 73 -21.40 -8.42 29.29
C LYS E 73 -21.39 -9.94 29.44
N GLU E 74 -21.18 -10.39 30.67
CA GLU E 74 -21.06 -11.80 31.00
C GLU E 74 -22.23 -12.63 30.43
N GLN E 75 -23.45 -12.13 30.59
CA GLN E 75 -24.63 -12.86 30.17
C GLN E 75 -24.64 -13.02 28.65
N LYS E 76 -24.32 -11.95 27.94
CA LYS E 76 -24.38 -12.03 26.50
C LYS E 76 -23.28 -12.98 25.99
N LEU E 77 -22.09 -12.84 26.57
CA LEU E 77 -20.96 -13.70 26.22
C LEU E 77 -21.20 -15.18 26.56
N ARG E 78 -21.89 -15.50 27.65
CA ARG E 78 -22.25 -16.90 27.94
C ARG E 78 -23.14 -17.42 26.82
N PHE E 79 -24.01 -16.57 26.30
CA PHE E 79 -24.95 -17.05 25.29
C PHE E 79 -24.15 -17.36 24.02
N ALA E 80 -23.25 -16.46 23.65
CA ALA E 80 -22.43 -16.70 22.46
C ALA E 80 -21.56 -17.95 22.65
N PHE E 81 -20.94 -18.09 23.83
CA PHE E 81 -20.23 -19.36 24.18
C PHE E 81 -21.05 -20.61 23.90
N ARG E 82 -22.32 -20.60 24.34
CA ARG E 82 -23.20 -21.75 24.13
C ARG E 82 -23.54 -22.08 22.68
N ILE E 83 -23.44 -21.08 21.80
CA ILE E 83 -23.59 -21.32 20.36
C ILE E 83 -22.57 -22.37 19.93
N TYR E 84 -21.31 -22.19 20.35
CA TYR E 84 -20.26 -23.13 19.98
C TYR E 84 -20.25 -24.43 20.79
N ASP E 85 -20.62 -24.36 22.07
CA ASP E 85 -20.57 -25.55 22.95
C ASP E 85 -21.81 -26.44 22.73
N MET E 86 -21.76 -27.19 21.64
CA MET E 86 -22.91 -27.95 21.18
C MET E 86 -23.46 -28.93 22.22
N ASP E 87 -22.61 -29.62 22.98
CA ASP E 87 -23.13 -30.63 23.92
C ASP E 87 -23.37 -30.06 25.31
N LYS E 88 -23.19 -28.76 25.49
CA LYS E 88 -23.50 -28.09 26.75
C LYS E 88 -22.65 -28.54 27.97
N ASP E 89 -21.48 -29.15 27.74
CA ASP E 89 -20.62 -29.61 28.88
C ASP E 89 -19.71 -28.53 29.49
N GLY E 90 -19.84 -27.28 29.06
CA GLY E 90 -18.99 -26.21 29.57
C GLY E 90 -17.65 -25.98 28.86
N TYR E 91 -17.37 -26.73 27.79
CA TYR E 91 -16.15 -26.54 27.01
C TYR E 91 -16.46 -26.64 25.56
N ILE E 92 -15.74 -25.87 24.76
CA ILE E 92 -15.83 -25.99 23.30
C ILE E 92 -14.70 -26.90 22.90
N SER E 93 -15.05 -28.04 22.34
CA SER E 93 -14.04 -28.95 21.88
C SER E 93 -13.67 -28.62 20.43
N ASN E 94 -12.60 -29.26 19.97
CA ASN E 94 -12.09 -29.11 18.60
C ASN E 94 -13.14 -29.47 17.54
N GLY E 95 -13.83 -30.58 17.75
CA GLY E 95 -14.92 -31.02 16.87
C GLY E 95 -16.12 -30.12 16.89
N GLU E 96 -16.51 -29.61 18.04
CA GLU E 96 -17.63 -28.67 18.08
C GLU E 96 -17.31 -27.39 17.33
N LEU E 97 -16.10 -26.88 17.53
CA LEU E 97 -15.69 -25.64 16.91
C LEU E 97 -15.68 -25.76 15.38
N PHE E 98 -15.12 -26.85 14.89
CA PHE E 98 -15.16 -27.15 13.48
C PHE E 98 -16.62 -27.17 12.94
N GLN E 99 -17.49 -27.93 13.61
CA GLN E 99 -18.89 -28.15 13.12
C GLN E 99 -19.71 -26.88 13.07
N VAL E 100 -19.58 -26.07 14.10
CA VAL E 100 -20.29 -24.80 14.14
C VAL E 100 -19.76 -23.82 13.05
N LEU E 101 -18.43 -23.79 12.85
CA LEU E 101 -17.86 -22.94 11.77
C LEU E 101 -18.32 -23.43 10.40
N LYS E 102 -18.38 -24.75 10.25
CA LYS E 102 -18.83 -25.39 9.04
C LYS E 102 -20.29 -24.96 8.71
N MET E 103 -21.18 -24.89 9.71
CA MET E 103 -22.54 -24.34 9.49
C MET E 103 -22.51 -22.93 8.91
N MET E 104 -21.50 -22.15 9.28
CA MET E 104 -21.47 -20.76 8.85
C MET E 104 -20.71 -20.54 7.53
N VAL E 105 -19.67 -21.33 7.27
CA VAL E 105 -18.79 -21.08 6.16
C VAL E 105 -19.26 -21.85 4.94
N GLY E 106 -20.01 -22.93 5.17
CA GLY E 106 -20.53 -23.76 4.08
C GLY E 106 -19.35 -24.33 3.34
N ASN E 107 -19.34 -24.23 2.01
CA ASN E 107 -18.25 -24.75 1.18
C ASN E 107 -17.10 -23.80 0.86
N ASN E 108 -17.07 -22.62 1.47
CA ASN E 108 -16.06 -21.65 1.13
C ASN E 108 -14.67 -21.97 1.60
N LEU E 109 -14.55 -22.86 2.58
CA LEU E 109 -13.23 -23.41 3.00
C LEU E 109 -13.26 -24.93 2.83
N LYS E 110 -12.16 -25.51 2.35
CA LYS E 110 -11.98 -26.96 2.35
C LYS E 110 -11.90 -27.45 3.82
N ASP E 111 -12.17 -28.73 4.04
CA ASP E 111 -12.06 -29.32 5.36
C ASP E 111 -10.69 -29.15 6.00
N THR E 112 -9.64 -29.26 5.19
CA THR E 112 -8.28 -29.17 5.68
C THR E 112 -7.95 -27.78 6.19
N GLN E 113 -8.37 -26.77 5.43
CA GLN E 113 -8.20 -25.36 5.79
C GLN E 113 -8.94 -25.04 7.08
N LEU E 114 -10.20 -25.46 7.18
CA LEU E 114 -11.00 -25.18 8.39
C LEU E 114 -10.39 -25.85 9.62
N GLN E 115 -9.94 -27.10 9.43
CA GLN E 115 -9.29 -27.82 10.51
C GLN E 115 -7.97 -27.14 10.96
N GLN E 116 -7.17 -26.62 10.02
CA GLN E 116 -5.93 -25.95 10.38
C GLN E 116 -6.18 -24.67 11.20
N ILE E 117 -7.18 -23.88 10.79
CA ILE E 117 -7.47 -22.67 11.56
C ILE E 117 -8.15 -22.92 12.92
N VAL E 118 -8.90 -24.02 13.02
CA VAL E 118 -9.52 -24.43 14.28
C VAL E 118 -8.40 -24.84 15.23
N ASP E 119 -7.47 -25.69 14.75
CA ASP E 119 -6.32 -26.08 15.57
C ASP E 119 -5.50 -24.90 16.12
N LYS E 120 -5.20 -23.92 15.28
CA LYS E 120 -4.40 -22.80 15.70
C LYS E 120 -5.19 -21.92 16.66
N THR E 121 -6.49 -21.83 16.48
CA THR E 121 -7.30 -21.07 17.43
C THR E 121 -7.27 -21.71 18.84
N ILE E 122 -7.33 -23.02 18.86
CA ILE E 122 -7.27 -23.72 20.14
C ILE E 122 -5.90 -23.64 20.82
N ILE E 123 -4.81 -23.76 20.06
CA ILE E 123 -3.46 -23.60 20.61
C ILE E 123 -3.27 -22.23 21.24
N ASN E 124 -3.76 -21.20 20.58
CA ASN E 124 -3.69 -19.85 21.08
C ASN E 124 -4.50 -19.61 22.35
N ALA E 125 -5.71 -20.16 22.40
CA ALA E 125 -6.63 -19.88 23.50
C ALA E 125 -6.55 -20.86 24.70
N ASP E 126 -6.05 -22.07 24.44
CA ASP E 126 -6.09 -23.14 25.43
C ASP E 126 -5.00 -23.01 26.51
N LYS E 127 -5.19 -22.10 27.47
CA LYS E 127 -4.15 -21.72 28.45
C LYS E 127 -3.84 -22.80 29.52
N ASP E 128 -4.65 -23.88 29.57
CA ASP E 128 -4.39 -24.97 30.50
C ASP E 128 -3.99 -26.24 29.82
N GLY E 129 -3.90 -26.18 28.49
CA GLY E 129 -3.42 -27.28 27.70
C GLY E 129 -4.27 -28.53 27.71
N ASP E 130 -5.57 -28.43 27.91
CA ASP E 130 -6.43 -29.63 27.92
C ASP E 130 -7.07 -29.95 26.55
N GLY E 131 -6.71 -29.19 25.51
CA GLY E 131 -7.29 -29.40 24.19
C GLY E 131 -8.65 -28.78 23.94
N ARG E 132 -9.25 -28.12 24.93
CA ARG E 132 -10.60 -27.53 24.80
C ARG E 132 -10.66 -26.12 25.32
N ILE E 133 -11.74 -25.39 25.04
CA ILE E 133 -11.84 -23.97 25.37
C ILE E 133 -12.96 -23.76 26.42
N SER E 134 -12.58 -23.32 27.60
CA SER E 134 -13.50 -23.09 28.67
C SER E 134 -14.06 -21.67 28.53
N PHE E 135 -15.11 -21.36 29.29
CA PHE E 135 -15.71 -20.03 29.19
C PHE E 135 -14.68 -18.96 29.50
N GLU E 136 -13.83 -19.21 30.50
CA GLU E 136 -12.81 -18.20 30.87
C GLU E 136 -11.87 -18.01 29.68
N GLU E 137 -11.45 -19.13 29.10
CA GLU E 137 -10.55 -19.09 27.94
C GLU E 137 -11.18 -18.35 26.76
N PHE E 138 -12.47 -18.58 26.53
CA PHE E 138 -13.24 -17.96 25.46
C PHE E 138 -13.26 -16.45 25.65
N CYS E 139 -13.62 -16.01 26.85
CA CYS E 139 -13.70 -14.59 27.15
C CYS E 139 -12.38 -13.84 26.99
N ALA E 140 -11.27 -14.48 27.34
CA ALA E 140 -9.97 -13.85 27.14
C ALA E 140 -9.70 -13.53 25.68
N VAL E 141 -10.17 -14.39 24.77
CA VAL E 141 -9.95 -14.17 23.33
C VAL E 141 -10.88 -13.10 22.75
N VAL E 142 -12.13 -13.07 23.21
CA VAL E 142 -13.17 -12.25 22.55
C VAL E 142 -13.67 -11.01 23.34
N GLY E 143 -13.33 -10.92 24.62
CA GLY E 143 -13.77 -9.82 25.50
C GLY E 143 -13.63 -8.44 24.87
N GLY E 144 -12.55 -8.24 24.13
CA GLY E 144 -12.23 -6.95 23.49
C GLY E 144 -13.13 -6.57 22.32
N LEU E 145 -13.78 -7.57 21.72
CA LEU E 145 -14.65 -7.34 20.56
C LEU E 145 -15.87 -6.44 20.82
N ASP E 146 -16.39 -6.46 22.05
CA ASP E 146 -17.66 -5.75 22.42
C ASP E 146 -18.85 -6.13 21.53
N ILE E 147 -19.02 -7.43 21.27
CA ILE E 147 -20.17 -7.89 20.45
C ILE E 147 -21.46 -7.94 21.28
N HIS E 148 -21.28 -7.95 22.61
CA HIS E 148 -22.39 -7.95 23.56
C HIS E 148 -23.20 -6.67 23.43
N LYS E 149 -22.57 -5.62 22.90
CA LYS E 149 -23.26 -4.36 22.62
C LYS E 149 -24.31 -4.57 21.54
N LYS E 150 -24.02 -5.49 20.62
CA LYS E 150 -24.90 -5.78 19.50
C LYS E 150 -25.98 -6.82 19.82
N MET E 151 -25.81 -7.57 20.91
CA MET E 151 -26.75 -8.64 21.26
C MET E 151 -27.88 -8.13 22.16
N VAL E 152 -28.69 -7.22 21.64
CA VAL E 152 -29.75 -6.57 22.38
C VAL E 152 -31.03 -6.68 21.55
N VAL E 153 -32.15 -7.04 22.18
CA VAL E 153 -33.46 -6.88 21.56
C VAL E 153 -34.49 -6.28 22.53
N ASP E 154 -35.33 -5.38 22.02
CA ASP E 154 -36.35 -4.70 22.81
C ASP E 154 -37.64 -5.53 22.91
N VAL E 155 -37.88 -6.06 24.10
CA VAL E 155 -39.07 -6.87 24.39
C VAL E 155 -40.31 -6.00 24.62
#